data_4OWQ
#
_entry.id   4OWQ
#
_cell.length_a   79.351
_cell.length_b   92.268
_cell.length_c   121.681
_cell.angle_alpha   90.000
_cell.angle_beta   90.000
_cell.angle_gamma   90.000
#
_symmetry.space_group_name_H-M   'P 21 21 21'
#
loop_
_entity.id
_entity.type
_entity.pdbx_description
1 polymer 'Anthranilate phosphoribosyltransferase'
2 non-polymer 'MAGNESIUM ION'
3 non-polymer 1-O-pyrophosphono-5-O-phosphono-alpha-D-ribofuranose
4 non-polymer '2-azanyl-3-methyl-benzoic acid'
5 non-polymer GLYCEROL
6 non-polymer IMIDAZOLE
7 water water
#
_entity_poly.entity_id   1
_entity_poly.type   'polypeptide(L)'
_entity_poly.pdbx_seq_one_letter_code
;MALSAEGSSGGSRGGSPKAEAASVPSWPQILGRLTDNRDLARGQAAWAMDQIMTGNARPAQIAAFAVAMTMKAPTADEVG
ELAGVMLSHAHPLPADTVPDDAVDVVGTGGDGVNTVNLSTMAAIVVAAAGVPVVKHGNRAASSLSGGADTLEALGVRIDL
GPDLVARSLAEVGIGFCFAPRFHPSYRHAAAVRREIGVPTVFNLLGPLTNPARPRAGLIGCAFADLAEVMAGVFAARRSS
VLVVHGDDGLDELTTTTTSTIWRVAAGSVDKLTFDPAGFGFARAQLDQLAGGDAQANAAAVRAVLGGARGPVRDAVVLNA
AGAIVAHAGLSSRAEWLPAWEEGLRRASAAIDTGAAEQLLARWVRFGRQILEHHHHHH
;
_entity_poly.pdbx_strand_id   A,B
#
# COMPACT_ATOMS: atom_id res chain seq x y z
N VAL A 24 2.34 -20.82 9.35
CA VAL A 24 0.96 -20.56 8.82
C VAL A 24 0.90 -19.16 8.17
N PRO A 25 0.79 -19.10 6.83
CA PRO A 25 0.74 -17.79 6.18
C PRO A 25 -0.62 -17.12 6.25
N SER A 26 -0.61 -15.79 6.31
CA SER A 26 -1.83 -15.03 6.30
C SER A 26 -1.55 -13.62 5.83
N TRP A 27 -2.61 -12.93 5.43
CA TRP A 27 -2.46 -11.57 4.97
C TRP A 27 -1.92 -10.66 6.04
N PRO A 28 -2.46 -10.71 7.28
CA PRO A 28 -1.87 -9.82 8.29
C PRO A 28 -0.38 -10.08 8.54
N GLN A 29 0.03 -11.34 8.49
CA GLN A 29 1.42 -11.68 8.70
C GLN A 29 2.28 -11.13 7.55
N ILE A 30 1.87 -11.38 6.33
CA ILE A 30 2.64 -11.00 5.17
C ILE A 30 2.62 -9.48 4.97
N LEU A 31 1.44 -8.89 5.06
CA LEU A 31 1.36 -7.42 4.94
C LEU A 31 2.13 -6.72 6.05
N GLY A 32 2.06 -7.24 7.27
CA GLY A 32 2.82 -6.68 8.40
C GLY A 32 4.33 -6.67 8.20
N ARG A 33 4.84 -7.79 7.67
CA ARG A 33 6.25 -7.92 7.33
C ARG A 33 6.64 -6.87 6.31
N LEU A 34 5.85 -6.74 5.24
CA LEU A 34 6.15 -5.78 4.18
C LEU A 34 6.06 -4.34 4.70
N THR A 35 5.04 -4.03 5.48
CA THR A 35 4.92 -2.65 6.01
C THR A 35 6.04 -2.38 7.03
N ASP A 36 6.60 -3.42 7.64
CA ASP A 36 7.80 -3.28 8.50
C ASP A 36 9.09 -3.19 7.68
N ASN A 37 8.97 -3.08 6.37
CA ASN A 37 10.11 -3.01 5.48
C ASN A 37 11.05 -4.21 5.48
N ARG A 38 10.49 -5.38 5.65
CA ARG A 38 11.26 -6.61 5.73
C ARG A 38 10.99 -7.47 4.50
N ASP A 39 12.05 -8.11 3.99
CA ASP A 39 11.87 -9.13 2.96
C ASP A 39 11.00 -10.26 3.52
N LEU A 40 10.24 -10.90 2.64
CA LEU A 40 9.39 -12.02 3.04
C LEU A 40 10.22 -13.29 3.29
N ALA A 41 9.68 -14.21 4.05
CA ALA A 41 10.30 -15.53 4.17
C ALA A 41 10.04 -16.28 2.85
N ARG A 42 10.93 -17.20 2.52
CA ARG A 42 10.75 -18.05 1.36
C ARG A 42 9.36 -18.68 1.37
N GLY A 43 8.67 -18.63 0.23
CA GLY A 43 7.32 -19.19 0.08
C GLY A 43 6.14 -18.24 0.34
N GLN A 44 6.36 -17.16 1.06
CA GLN A 44 5.26 -16.23 1.39
C GLN A 44 4.74 -15.48 0.17
N ALA A 45 5.64 -15.02 -0.69
CA ALA A 45 5.18 -14.37 -1.91
C ALA A 45 4.39 -15.33 -2.79
N ALA A 46 4.84 -16.58 -2.82
CA ALA A 46 4.15 -17.58 -3.61
C ALA A 46 2.76 -17.85 -3.04
N TRP A 47 2.64 -17.88 -1.70
CA TRP A 47 1.35 -18.12 -1.07
C TRP A 47 0.41 -17.00 -1.45
N ALA A 48 0.88 -15.77 -1.34
CA ALA A 48 0.09 -14.60 -1.68
C ALA A 48 -0.35 -14.61 -3.11
N MET A 49 0.58 -14.91 -4.00
CA MET A 49 0.25 -14.91 -5.41
C MET A 49 -0.75 -16.00 -5.70
N ASP A 50 -0.65 -17.15 -5.05
CA ASP A 50 -1.60 -18.23 -5.35
C ASP A 50 -3.01 -17.88 -4.87
N GLN A 51 -3.09 -17.25 -3.69
CA GLN A 51 -4.36 -16.68 -3.21
C GLN A 51 -4.98 -15.73 -4.23
N ILE A 52 -4.15 -14.84 -4.79
CA ILE A 52 -4.60 -13.88 -5.81
C ILE A 52 -5.08 -14.59 -7.07
N MET A 53 -4.34 -15.60 -7.52
CA MET A 53 -4.61 -16.26 -8.78
C MET A 53 -5.79 -17.22 -8.66
N THR A 54 -6.12 -17.69 -7.47
CA THR A 54 -7.25 -18.59 -7.31
C THR A 54 -8.53 -17.86 -6.96
N GLY A 55 -8.50 -16.53 -6.98
CA GLY A 55 -9.69 -15.75 -6.60
C GLY A 55 -10.04 -15.74 -5.12
N ASN A 56 -9.08 -16.09 -4.28
CA ASN A 56 -9.28 -16.14 -2.84
C ASN A 56 -8.86 -14.90 -2.08
N ALA A 57 -8.22 -13.97 -2.75
CA ALA A 57 -7.80 -12.70 -2.12
C ALA A 57 -8.86 -11.65 -2.36
N ARG A 58 -9.23 -10.88 -1.33
CA ARG A 58 -10.14 -9.74 -1.52
C ARG A 58 -9.39 -8.63 -2.27
N PRO A 59 -10.10 -7.83 -3.09
CA PRO A 59 -9.41 -6.73 -3.79
C PRO A 59 -8.57 -5.82 -2.87
N ALA A 60 -9.07 -5.52 -1.68
CA ALA A 60 -8.25 -4.76 -0.71
C ALA A 60 -6.93 -5.46 -0.34
N GLN A 61 -6.95 -6.79 -0.25
CA GLN A 61 -5.73 -7.55 0.06
C GLN A 61 -4.75 -7.55 -1.10
N ILE A 62 -5.27 -7.70 -2.31
CA ILE A 62 -4.44 -7.63 -3.51
C ILE A 62 -3.72 -6.28 -3.60
N ALA A 63 -4.50 -5.21 -3.42
CA ALA A 63 -3.96 -3.84 -3.50
C ALA A 63 -2.91 -3.58 -2.41
N ALA A 64 -3.24 -3.97 -1.18
CA ALA A 64 -2.31 -3.80 -0.08
C ALA A 64 -1.00 -4.51 -0.32
N PHE A 65 -1.11 -5.72 -0.83
CA PHE A 65 0.08 -6.53 -1.13
C PHE A 65 0.95 -5.89 -2.22
N ALA A 66 0.30 -5.49 -3.31
CA ALA A 66 1.02 -4.92 -4.44
C ALA A 66 1.76 -3.65 -4.01
N VAL A 67 1.05 -2.77 -3.29
CA VAL A 67 1.64 -1.51 -2.85
C VAL A 67 2.73 -1.75 -1.84
N ALA A 68 2.48 -2.59 -0.84
CA ALA A 68 3.49 -2.83 0.21
C ALA A 68 4.77 -3.47 -0.36
N MET A 69 4.60 -4.40 -1.28
CA MET A 69 5.73 -5.03 -1.92
C MET A 69 6.53 -4.00 -2.71
N THR A 70 5.84 -3.08 -3.38
CA THR A 70 6.49 -2.05 -4.19
C THR A 70 7.30 -1.12 -3.32
N MET A 71 6.71 -0.68 -2.21
CA MET A 71 7.37 0.27 -1.32
C MET A 71 8.49 -0.36 -0.50
N LYS A 72 8.38 -1.64 -0.20
CA LYS A 72 9.48 -2.33 0.46
C LYS A 72 10.68 -2.43 -0.53
N ALA A 73 10.39 -2.71 -1.78
CA ALA A 73 11.34 -2.95 -2.89
C ALA A 73 11.45 -4.47 -3.00
N PRO A 74 10.87 -5.05 -4.03
CA PRO A 74 10.86 -6.51 -4.13
C PRO A 74 12.24 -7.06 -4.45
N THR A 75 12.52 -8.25 -3.95
CA THR A 75 13.76 -8.94 -4.31
C THR A 75 13.54 -9.85 -5.50
N ALA A 76 14.64 -10.29 -6.10
CA ALA A 76 14.54 -11.27 -7.21
C ALA A 76 13.87 -12.56 -6.77
N ASP A 77 14.17 -13.03 -5.56
CA ASP A 77 13.55 -14.26 -5.08
C ASP A 77 12.04 -14.09 -4.96
N GLU A 78 11.60 -12.94 -4.45
CA GLU A 78 10.18 -12.68 -4.31
C GLU A 78 9.48 -12.60 -5.64
N VAL A 79 10.06 -11.86 -6.59
CA VAL A 79 9.43 -11.74 -7.90
C VAL A 79 9.41 -13.10 -8.63
N GLY A 80 10.44 -13.92 -8.43
CA GLY A 80 10.49 -15.25 -9.02
C GLY A 80 9.38 -16.14 -8.53
N GLU A 81 9.04 -15.98 -7.25
CA GLU A 81 7.87 -16.68 -6.72
C GLU A 81 6.59 -16.18 -7.33
N LEU A 82 6.44 -14.86 -7.42
CA LEU A 82 5.24 -14.32 -8.05
C LEU A 82 5.07 -14.81 -9.48
N ALA A 83 6.12 -14.67 -10.27
CA ALA A 83 6.04 -15.08 -11.67
C ALA A 83 5.85 -16.59 -11.83
N GLY A 84 6.53 -17.35 -10.98
CA GLY A 84 6.45 -18.81 -11.00
C GLY A 84 5.05 -19.31 -10.74
N VAL A 85 4.39 -18.71 -9.74
CA VAL A 85 3.01 -19.07 -9.42
C VAL A 85 2.07 -18.69 -10.58
N MET A 86 2.25 -17.49 -11.10
CA MET A 86 1.44 -17.04 -12.21
C MET A 86 1.60 -18.00 -13.40
N LEU A 87 2.82 -18.41 -13.73
CA LEU A 87 3.04 -19.38 -14.81
C LEU A 87 2.37 -20.71 -14.55
N SER A 88 2.33 -21.15 -13.27
CA SER A 88 1.71 -22.39 -12.93
C SER A 88 0.21 -22.37 -13.27
N HIS A 89 -0.40 -21.18 -13.33
CA HIS A 89 -1.83 -21.09 -13.67
C HIS A 89 -2.10 -20.76 -15.14
N ALA A 90 -1.06 -20.55 -15.93
CA ALA A 90 -1.21 -20.15 -17.32
C ALA A 90 -1.52 -21.36 -18.21
N HIS A 91 -2.16 -21.11 -19.35
CA HIS A 91 -2.25 -22.13 -20.38
C HIS A 91 -0.91 -22.27 -21.06
N PRO A 92 -0.37 -23.49 -21.11
CA PRO A 92 0.89 -23.67 -21.82
C PRO A 92 0.64 -23.85 -23.32
N LEU A 93 1.70 -23.75 -24.12
CA LEU A 93 1.62 -24.22 -25.50
C LEU A 93 1.79 -25.74 -25.54
N PRO A 94 1.28 -26.39 -26.60
CA PRO A 94 1.41 -27.85 -26.60
C PRO A 94 2.88 -28.30 -26.53
N ALA A 95 3.10 -29.48 -25.94
CA ALA A 95 4.44 -30.07 -25.85
C ALA A 95 5.20 -30.01 -27.17
N ASP A 96 6.49 -29.69 -27.10
CA ASP A 96 7.37 -29.71 -28.28
C ASP A 96 6.94 -28.83 -29.46
N THR A 97 6.37 -27.66 -29.19
CA THR A 97 5.99 -26.74 -30.25
C THR A 97 6.77 -25.43 -30.18
N VAL A 98 7.49 -25.21 -29.10
CA VAL A 98 8.35 -24.04 -29.00
C VAL A 98 9.78 -24.46 -29.21
N PRO A 99 10.43 -23.91 -30.24
CA PRO A 99 11.84 -24.28 -30.43
C PRO A 99 12.66 -23.88 -29.22
N ASP A 100 13.70 -24.66 -28.94
CA ASP A 100 14.60 -24.35 -27.83
C ASP A 100 15.23 -22.97 -27.92
N ASP A 101 15.21 -22.36 -29.11
CA ASP A 101 15.88 -21.09 -29.31
C ASP A 101 14.92 -19.95 -29.64
N ALA A 102 13.66 -20.07 -29.24
CA ALA A 102 12.71 -18.98 -29.45
C ALA A 102 13.08 -17.79 -28.56
N VAL A 103 12.78 -16.60 -29.06
CA VAL A 103 13.07 -15.34 -28.39
C VAL A 103 11.81 -14.51 -28.21
N ASP A 104 11.79 -13.74 -27.13
CA ASP A 104 10.74 -12.75 -26.87
C ASP A 104 11.37 -11.38 -26.99
N VAL A 105 10.54 -10.39 -27.32
CA VAL A 105 10.96 -9.00 -27.31
C VAL A 105 9.81 -8.22 -26.69
N VAL A 106 9.98 -7.68 -25.49
CA VAL A 106 8.82 -7.20 -24.73
C VAL A 106 9.32 -6.42 -23.54
N GLY A 107 8.55 -5.43 -23.11
CA GLY A 107 8.91 -4.66 -21.93
C GLY A 107 7.79 -4.46 -20.96
N THR A 108 8.12 -3.84 -19.83
CA THR A 108 7.16 -3.53 -18.80
C THR A 108 6.17 -2.48 -19.26
N GLY A 109 6.57 -1.67 -20.24
CA GLY A 109 5.83 -0.46 -20.59
C GLY A 109 5.96 0.49 -19.42
N GLY A 110 5.07 1.49 -19.38
CA GLY A 110 5.02 2.43 -18.26
C GLY A 110 6.13 3.45 -18.28
N ASP A 111 6.88 3.54 -19.37
CA ASP A 111 7.97 4.52 -19.46
C ASP A 111 7.45 5.96 -19.65
N GLY A 112 6.16 6.08 -19.96
CA GLY A 112 5.47 7.38 -19.95
C GLY A 112 5.73 8.24 -21.17
N VAL A 113 6.40 7.67 -22.18
CA VAL A 113 6.80 8.44 -23.37
C VAL A 113 5.81 8.33 -24.54
N ASN A 114 4.98 7.29 -24.59
CA ASN A 114 4.07 7.12 -25.73
C ASN A 114 4.84 7.12 -27.07
N THR A 115 5.81 6.21 -27.18
CA THR A 115 6.55 6.01 -28.43
C THR A 115 5.80 5.10 -29.40
N VAL A 116 6.33 5.03 -30.62
CA VAL A 116 5.99 4.00 -31.57
C VAL A 116 6.29 2.64 -30.90
N ASN A 117 5.72 1.56 -31.43
CA ASN A 117 5.82 0.22 -30.81
C ASN A 117 7.13 -0.46 -31.22
N LEU A 118 8.20 -0.09 -30.52
CA LEU A 118 9.54 -0.54 -30.90
C LEU A 118 9.72 -2.04 -30.74
N SER A 119 9.17 -2.61 -29.66
CA SER A 119 9.34 -4.05 -29.41
C SER A 119 8.63 -4.87 -30.50
N THR A 120 7.44 -4.42 -30.87
CA THR A 120 6.65 -5.14 -31.86
C THR A 120 7.28 -5.12 -33.25
N MET A 121 7.77 -3.96 -33.68
CA MET A 121 8.51 -3.86 -34.92
C MET A 121 9.79 -4.70 -34.91
N ALA A 122 10.56 -4.58 -33.82
CA ALA A 122 11.74 -5.40 -33.62
C ALA A 122 11.44 -6.89 -33.73
N ALA A 123 10.34 -7.34 -33.14
CA ALA A 123 10.00 -8.75 -33.16
C ALA A 123 9.79 -9.25 -34.58
N ILE A 124 9.09 -8.44 -35.37
CA ILE A 124 8.84 -8.79 -36.77
C ILE A 124 10.17 -8.89 -37.51
N VAL A 125 11.07 -7.93 -37.27
CA VAL A 125 12.36 -7.89 -37.96
C VAL A 125 13.18 -9.13 -37.58
N VAL A 126 13.22 -9.43 -36.29
CA VAL A 126 13.95 -10.61 -35.77
C VAL A 126 13.41 -11.89 -36.43
N ALA A 127 12.10 -12.05 -36.47
CA ALA A 127 11.49 -13.23 -37.10
C ALA A 127 11.90 -13.32 -38.59
N ALA A 128 11.92 -12.16 -39.25
CA ALA A 128 12.29 -12.07 -40.66
C ALA A 128 13.76 -12.39 -40.91
N ALA A 129 14.59 -12.21 -39.87
CA ALA A 129 16.00 -12.59 -39.90
C ALA A 129 16.21 -14.09 -39.71
N GLY A 130 15.15 -14.83 -39.39
CA GLY A 130 15.20 -16.28 -39.28
C GLY A 130 15.23 -16.79 -37.86
N VAL A 131 15.02 -15.92 -36.88
CA VAL A 131 14.99 -16.33 -35.48
C VAL A 131 13.54 -16.57 -35.04
N PRO A 132 13.24 -17.72 -34.41
CA PRO A 132 11.88 -17.91 -33.99
C PRO A 132 11.48 -16.95 -32.90
N VAL A 133 10.32 -16.33 -33.04
CA VAL A 133 9.86 -15.32 -32.09
C VAL A 133 8.52 -15.73 -31.51
N VAL A 134 8.45 -15.77 -30.19
CA VAL A 134 7.15 -15.94 -29.57
C VAL A 134 6.94 -14.81 -28.61
N LYS A 135 6.09 -13.90 -29.07
CA LYS A 135 5.89 -12.71 -28.36
C LYS A 135 4.73 -12.78 -27.43
N HIS A 136 4.99 -12.25 -26.26
CA HIS A 136 4.01 -12.04 -25.25
C HIS A 136 3.77 -10.57 -25.33
N GLY A 137 2.53 -10.17 -25.09
CA GLY A 137 2.14 -8.81 -25.25
C GLY A 137 0.73 -8.59 -24.74
N ASN A 138 0.28 -7.37 -24.87
CA ASN A 138 -0.98 -6.95 -24.31
C ASN A 138 -1.32 -5.57 -24.89
N ARG A 139 -2.56 -5.15 -24.72
CA ARG A 139 -2.97 -3.79 -25.07
C ARG A 139 -2.20 -2.71 -24.27
N ALA A 140 -2.40 -1.45 -24.63
CA ALA A 140 -1.80 -0.35 -23.87
C ALA A 140 -2.35 -0.31 -22.46
N ALA A 141 -1.57 0.22 -21.52
CA ALA A 141 -2.09 0.52 -20.20
C ALA A 141 -2.23 2.02 -20.05
N SER A 142 -1.15 2.76 -20.31
CA SER A 142 -1.23 4.21 -20.25
C SER A 142 -0.76 4.93 -21.53
N SER A 143 -0.30 4.19 -22.53
CA SER A 143 0.03 4.77 -23.85
C SER A 143 -1.17 4.71 -24.80
N LEU A 144 -1.07 5.41 -25.93
CA LEU A 144 -2.18 5.48 -26.88
C LEU A 144 -2.44 4.16 -27.62
N SER A 145 -1.39 3.38 -27.88
CA SER A 145 -1.51 2.08 -28.55
C SER A 145 -0.40 1.11 -28.11
N GLY A 146 -0.79 0.02 -27.46
CA GLY A 146 0.13 -1.04 -27.06
C GLY A 146 0.44 -1.95 -28.24
N GLY A 147 1.39 -2.86 -28.05
CA GLY A 147 1.79 -3.75 -29.15
C GLY A 147 0.65 -4.59 -29.70
N ALA A 148 -0.20 -5.10 -28.81
CA ALA A 148 -1.37 -5.88 -29.24
C ALA A 148 -2.34 -5.04 -30.08
N ASP A 149 -2.55 -3.79 -29.69
CA ASP A 149 -3.44 -2.87 -30.40
C ASP A 149 -2.92 -2.61 -31.80
N THR A 150 -1.63 -2.37 -31.90
CA THR A 150 -1.01 -2.07 -33.17
C THR A 150 -1.04 -3.29 -34.09
N LEU A 151 -0.67 -4.46 -33.57
CA LEU A 151 -0.80 -5.71 -34.31
C LEU A 151 -2.20 -5.91 -34.86
N GLU A 152 -3.19 -5.70 -34.01
CA GLU A 152 -4.57 -5.84 -34.43
C GLU A 152 -4.89 -4.85 -35.57
N ALA A 153 -4.42 -3.61 -35.44
CA ALA A 153 -4.65 -2.60 -36.48
C ALA A 153 -3.95 -2.97 -37.80
N LEU A 154 -2.88 -3.76 -37.70
CA LEU A 154 -2.17 -4.27 -38.87
C LEU A 154 -2.87 -5.46 -39.54
N GLY A 155 -3.91 -5.99 -38.90
CA GLY A 155 -4.62 -7.16 -39.42
C GLY A 155 -4.10 -8.49 -38.91
N VAL A 156 -3.19 -8.46 -37.95
CA VAL A 156 -2.70 -9.71 -37.34
C VAL A 156 -3.74 -10.17 -36.31
N ARG A 157 -3.95 -11.48 -36.23
CA ARG A 157 -4.92 -12.03 -35.27
C ARG A 157 -4.22 -12.17 -33.93
N ILE A 158 -4.64 -11.40 -32.92
CA ILE A 158 -3.95 -11.43 -31.62
C ILE A 158 -4.53 -12.43 -30.61
N ASP A 159 -5.71 -12.96 -30.92
CA ASP A 159 -6.56 -13.67 -29.97
C ASP A 159 -6.54 -15.19 -30.17
N LEU A 160 -5.42 -15.75 -30.61
CA LEU A 160 -5.39 -17.18 -30.89
C LEU A 160 -5.03 -17.97 -29.64
N GLY A 161 -5.59 -19.17 -29.53
CA GLY A 161 -5.24 -20.09 -28.45
C GLY A 161 -3.93 -20.83 -28.66
N PRO A 162 -3.52 -21.63 -27.66
CA PRO A 162 -2.26 -22.35 -27.67
C PRO A 162 -1.95 -23.10 -28.99
N ASP A 163 -2.90 -23.89 -29.47
CA ASP A 163 -2.65 -24.69 -30.67
C ASP A 163 -2.38 -23.82 -31.89
N LEU A 164 -3.13 -22.73 -32.02
CA LEU A 164 -2.97 -21.88 -33.19
C LEU A 164 -1.75 -20.98 -33.08
N VAL A 165 -1.35 -20.62 -31.87
CA VAL A 165 -0.09 -19.89 -31.69
C VAL A 165 1.07 -20.79 -32.09
N ALA A 166 1.01 -22.06 -31.69
CA ALA A 166 2.05 -23.02 -32.07
C ALA A 166 2.12 -23.19 -33.60
N ARG A 167 0.96 -23.26 -34.25
CA ARG A 167 0.94 -23.33 -35.71
C ARG A 167 1.53 -22.07 -36.37
N SER A 168 1.17 -20.91 -35.85
CA SER A 168 1.74 -19.62 -36.32
C SER A 168 3.24 -19.65 -36.28
N LEU A 169 3.78 -20.07 -35.13
CA LEU A 169 5.21 -20.14 -34.94
C LEU A 169 5.84 -21.10 -35.97
N ALA A 170 5.23 -22.25 -36.20
CA ALA A 170 5.78 -23.22 -37.16
C ALA A 170 5.62 -22.77 -38.59
N GLU A 171 4.51 -22.12 -38.91
CA GLU A 171 4.24 -21.77 -40.32
C GLU A 171 4.72 -20.38 -40.72
N VAL A 172 4.76 -19.45 -39.76
CA VAL A 172 5.14 -18.07 -40.07
C VAL A 172 6.48 -17.68 -39.46
N GLY A 173 6.87 -18.36 -38.38
CA GLY A 173 8.12 -18.05 -37.67
C GLY A 173 7.95 -17.08 -36.52
N ILE A 174 6.71 -16.71 -36.23
CA ILE A 174 6.37 -15.81 -35.15
C ILE A 174 5.00 -16.18 -34.65
N GLY A 175 4.79 -16.04 -33.35
CA GLY A 175 3.50 -16.19 -32.76
C GLY A 175 3.33 -15.15 -31.69
N PHE A 176 2.08 -14.86 -31.37
CA PHE A 176 1.73 -13.88 -30.36
C PHE A 176 0.76 -14.46 -29.34
N CYS A 177 1.20 -14.45 -28.08
CA CYS A 177 0.39 -14.90 -26.95
C CYS A 177 -0.18 -13.68 -26.25
N PHE A 178 -1.47 -13.54 -26.38
CA PHE A 178 -2.21 -12.41 -25.85
C PHE A 178 -2.50 -12.71 -24.38
N ALA A 179 -1.94 -11.89 -23.50
CA ALA A 179 -1.94 -12.22 -22.06
C ALA A 179 -3.31 -12.61 -21.48
N PRO A 180 -4.37 -11.86 -21.81
CA PRO A 180 -5.66 -12.25 -21.26
C PRO A 180 -6.17 -13.61 -21.68
N ARG A 181 -5.78 -14.07 -22.86
CA ARG A 181 -6.13 -15.41 -23.32
C ARG A 181 -5.32 -16.50 -22.60
N PHE A 182 -4.05 -16.23 -22.29
CA PHE A 182 -3.19 -17.25 -21.67
C PHE A 182 -3.16 -17.24 -20.13
N HIS A 183 -3.58 -16.13 -19.54
CA HIS A 183 -3.54 -15.94 -18.10
C HIS A 183 -4.91 -15.53 -17.55
N PRO A 184 -5.96 -16.32 -17.81
CA PRO A 184 -7.33 -16.01 -17.34
C PRO A 184 -7.43 -15.77 -15.82
N SER A 185 -6.65 -16.50 -15.04
CA SER A 185 -6.71 -16.38 -13.59
C SER A 185 -6.08 -15.12 -13.01
N TYR A 186 -5.44 -14.32 -13.85
CA TYR A 186 -4.83 -13.07 -13.43
C TYR A 186 -5.87 -11.93 -13.42
N ARG A 187 -7.11 -12.24 -13.77
CA ARG A 187 -8.16 -11.24 -13.91
C ARG A 187 -8.39 -10.42 -12.64
N HIS A 188 -8.25 -11.03 -11.46
CA HIS A 188 -8.48 -10.33 -10.19
C HIS A 188 -7.38 -9.29 -9.97
N ALA A 189 -6.14 -9.71 -10.20
CA ALA A 189 -4.99 -8.81 -10.10
C ALA A 189 -5.09 -7.68 -11.15
N ALA A 190 -5.45 -8.03 -12.38
CA ALA A 190 -5.53 -7.03 -13.46
C ALA A 190 -6.50 -5.90 -13.12
N ALA A 191 -7.66 -6.27 -12.59
CA ALA A 191 -8.70 -5.32 -12.23
C ALA A 191 -8.23 -4.38 -11.11
N VAL A 192 -7.55 -4.94 -10.12
CA VAL A 192 -7.00 -4.11 -9.05
C VAL A 192 -5.98 -3.15 -9.63
N ARG A 193 -5.09 -3.64 -10.49
CA ARG A 193 -4.10 -2.79 -11.10
C ARG A 193 -4.74 -1.57 -11.79
N ARG A 194 -5.83 -1.80 -12.53
CA ARG A 194 -6.54 -0.70 -13.19
C ARG A 194 -7.16 0.25 -12.18
N GLU A 195 -7.74 -0.29 -11.11
CA GLU A 195 -8.43 0.56 -10.11
C GLU A 195 -7.43 1.47 -9.38
N ILE A 196 -6.21 1.00 -9.12
CA ILE A 196 -5.28 1.84 -8.38
C ILE A 196 -4.36 2.69 -9.27
N GLY A 197 -4.09 2.25 -10.50
CA GLY A 197 -3.41 3.05 -11.51
C GLY A 197 -1.89 3.05 -11.33
N VAL A 198 -1.47 3.25 -10.11
CA VAL A 198 -0.07 3.41 -9.78
C VAL A 198 0.72 2.15 -10.18
N PRO A 199 1.92 2.33 -10.77
CA PRO A 199 2.72 1.14 -11.02
C PRO A 199 3.10 0.43 -9.73
N THR A 200 3.12 -0.91 -9.79
CA THR A 200 3.53 -1.75 -8.68
C THR A 200 4.42 -2.87 -9.18
N VAL A 201 4.87 -3.72 -8.27
CA VAL A 201 5.57 -4.95 -8.63
C VAL A 201 4.85 -5.78 -9.72
N PHE A 202 3.52 -5.70 -9.80
CA PHE A 202 2.79 -6.43 -10.82
C PHE A 202 3.16 -6.01 -12.25
N ASN A 203 3.57 -4.76 -12.42
CA ASN A 203 4.00 -4.28 -13.74
C ASN A 203 5.24 -4.98 -14.29
N LEU A 204 5.98 -5.65 -13.41
CA LEU A 204 7.14 -6.43 -13.82
C LEU A 204 6.80 -7.80 -14.38
N LEU A 205 5.58 -8.28 -14.13
CA LEU A 205 5.31 -9.69 -14.31
C LEU A 205 5.08 -10.08 -15.77
N GLY A 206 4.53 -9.19 -16.58
CA GLY A 206 4.26 -9.51 -18.00
C GLY A 206 5.45 -10.12 -18.74
N PRO A 207 6.61 -9.44 -18.72
CA PRO A 207 7.77 -10.00 -19.40
C PRO A 207 8.28 -11.29 -18.81
N LEU A 208 7.98 -11.54 -17.55
CA LEU A 208 8.45 -12.73 -16.85
C LEU A 208 7.53 -13.90 -16.95
N THR A 209 6.36 -13.73 -17.57
CA THR A 209 5.36 -14.80 -17.61
C THR A 209 4.86 -15.15 -19.03
N ASN A 210 5.72 -15.02 -20.02
CA ASN A 210 5.39 -15.47 -21.37
C ASN A 210 5.04 -16.95 -21.25
N PRO A 211 3.83 -17.33 -21.64
CA PRO A 211 3.36 -18.71 -21.43
C PRO A 211 4.06 -19.75 -22.28
N ALA A 212 4.69 -19.31 -23.37
CA ALA A 212 5.50 -20.21 -24.19
C ALA A 212 6.89 -20.46 -23.59
N ARG A 213 7.26 -19.71 -22.57
CA ARG A 213 8.53 -19.88 -21.86
C ARG A 213 9.79 -19.89 -22.74
N PRO A 214 9.89 -18.94 -23.68
CA PRO A 214 11.10 -18.89 -24.49
C PRO A 214 12.34 -18.62 -23.62
N ARG A 215 13.45 -19.20 -24.04
CA ARG A 215 14.66 -19.17 -23.24
C ARG A 215 15.53 -17.95 -23.53
N ALA A 216 15.17 -17.18 -24.55
CA ALA A 216 15.90 -15.94 -24.82
C ALA A 216 14.98 -14.79 -24.95
N GLY A 217 15.56 -13.61 -24.79
CA GLY A 217 14.74 -12.42 -24.76
C GLY A 217 15.50 -11.11 -24.73
N LEU A 218 14.89 -10.09 -25.31
CA LEU A 218 15.28 -8.71 -25.11
C LEU A 218 14.12 -8.11 -24.31
N ILE A 219 14.40 -7.76 -23.06
CA ILE A 219 13.36 -7.43 -22.09
C ILE A 219 13.60 -6.02 -21.57
N GLY A 220 12.66 -5.13 -21.87
CA GLY A 220 12.74 -3.74 -21.51
C GLY A 220 12.13 -3.48 -20.13
N CYS A 221 12.81 -2.65 -19.35
CA CYS A 221 12.31 -2.24 -18.03
C CYS A 221 12.39 -0.72 -17.88
N ALA A 222 11.25 -0.13 -17.60
CA ALA A 222 11.14 1.31 -17.49
C ALA A 222 11.61 1.79 -16.12
N PHE A 223 11.63 0.87 -15.16
CA PHE A 223 11.96 1.16 -13.75
C PHE A 223 13.43 0.81 -13.52
N ALA A 224 14.27 1.84 -13.51
CA ALA A 224 15.74 1.67 -13.43
C ALA A 224 16.16 0.78 -12.24
N ASP A 225 15.50 1.02 -11.11
CA ASP A 225 15.72 0.33 -9.84
C ASP A 225 15.35 -1.18 -9.87
N LEU A 226 14.47 -1.58 -10.78
CA LEU A 226 13.90 -2.92 -10.79
C LEU A 226 14.42 -3.78 -11.96
N ALA A 227 15.13 -3.17 -12.90
CA ALA A 227 15.69 -3.95 -14.02
C ALA A 227 16.64 -5.03 -13.47
N GLU A 228 17.40 -4.69 -12.44
CA GLU A 228 18.33 -5.68 -11.90
C GLU A 228 17.58 -6.86 -11.29
N VAL A 229 16.46 -6.56 -10.66
CA VAL A 229 15.58 -7.57 -10.07
C VAL A 229 15.05 -8.50 -11.17
N MET A 230 14.56 -7.93 -12.25
CA MET A 230 14.13 -8.75 -13.40
C MET A 230 15.26 -9.62 -13.93
N ALA A 231 16.45 -9.06 -14.05
CA ALA A 231 17.62 -9.84 -14.49
C ALA A 231 17.86 -11.04 -13.56
N GLY A 232 17.75 -10.79 -12.26
CA GLY A 232 17.92 -11.85 -11.27
C GLY A 232 16.92 -12.99 -11.46
N VAL A 233 15.69 -12.64 -11.83
CA VAL A 233 14.65 -13.65 -12.07
C VAL A 233 15.05 -14.51 -13.27
N PHE A 234 15.50 -13.86 -14.34
CA PHE A 234 15.95 -14.60 -15.54
C PHE A 234 17.19 -15.44 -15.27
N ALA A 235 18.08 -14.96 -14.42
CA ALA A 235 19.31 -15.71 -14.08
C ALA A 235 18.99 -17.02 -13.36
N ALA A 236 17.90 -17.09 -12.61
CA ALA A 236 17.48 -18.36 -12.00
C ALA A 236 16.79 -19.33 -12.98
N ARG A 237 16.60 -18.91 -14.23
CA ARG A 237 16.03 -19.76 -15.27
C ARG A 237 17.13 -20.15 -16.24
N ARG A 238 16.82 -21.08 -17.12
CA ARG A 238 17.81 -21.48 -18.13
C ARG A 238 17.68 -20.50 -19.31
N SER A 239 18.24 -19.29 -19.17
CA SER A 239 17.86 -18.17 -20.07
C SER A 239 19.08 -17.41 -20.58
N SER A 240 18.98 -16.87 -21.80
CA SER A 240 19.92 -15.86 -22.31
C SER A 240 19.13 -14.60 -22.64
N VAL A 241 19.26 -13.59 -21.80
CA VAL A 241 18.42 -12.42 -21.90
C VAL A 241 19.27 -11.15 -21.77
N LEU A 242 18.86 -10.12 -22.48
CA LEU A 242 19.34 -8.79 -22.23
C LEU A 242 18.19 -8.02 -21.60
N VAL A 243 18.35 -7.66 -20.32
CA VAL A 243 17.42 -6.75 -19.66
C VAL A 243 17.95 -5.35 -19.87
N VAL A 244 17.13 -4.48 -20.43
CA VAL A 244 17.60 -3.21 -20.89
C VAL A 244 16.76 -2.05 -20.35
N HIS A 245 17.46 -0.95 -20.09
CA HIS A 245 16.85 0.27 -19.67
C HIS A 245 17.61 1.43 -20.31
N GLY A 246 16.90 2.20 -21.14
CA GLY A 246 17.50 3.38 -21.76
C GLY A 246 17.79 4.37 -20.65
N ASP A 247 18.95 5.03 -20.72
CA ASP A 247 19.32 5.98 -19.67
C ASP A 247 18.50 7.30 -19.80
N ASP A 248 17.63 7.37 -20.81
CA ASP A 248 16.57 8.39 -20.92
C ASP A 248 15.21 7.93 -20.38
N GLY A 249 15.17 6.71 -19.83
CA GLY A 249 13.95 6.17 -19.26
C GLY A 249 13.16 5.18 -20.12
N LEU A 250 13.53 5.00 -21.38
CA LEU A 250 12.79 4.09 -22.26
C LEU A 250 12.95 2.64 -21.79
N ASP A 251 11.87 1.85 -21.87
CA ASP A 251 11.97 0.41 -21.64
C ASP A 251 12.38 -0.31 -22.94
N GLU A 252 13.38 0.25 -23.62
CA GLU A 252 13.96 -0.34 -24.86
C GLU A 252 15.38 0.15 -24.90
N LEU A 253 16.21 -0.46 -25.76
CA LEU A 253 17.47 0.17 -26.13
C LEU A 253 17.16 1.48 -26.86
N THR A 254 17.74 2.57 -26.37
CA THR A 254 17.43 3.87 -26.92
C THR A 254 18.54 4.30 -27.88
N THR A 255 18.18 5.21 -28.77
CA THR A 255 19.14 5.90 -29.63
C THR A 255 19.46 7.35 -29.17
N THR A 256 18.80 7.81 -28.11
CA THR A 256 18.99 9.20 -27.67
C THR A 256 20.18 9.37 -26.73
N THR A 257 20.70 8.28 -26.18
CA THR A 257 21.78 8.32 -25.21
C THR A 257 22.22 6.86 -24.96
N THR A 258 22.96 6.62 -23.90
CA THR A 258 23.35 5.26 -23.53
C THR A 258 22.17 4.50 -22.93
N SER A 259 22.39 3.19 -22.77
CA SER A 259 21.45 2.32 -22.11
C SER A 259 22.24 1.48 -21.10
N THR A 260 21.56 1.03 -20.06
CA THR A 260 22.14 0.06 -19.16
C THR A 260 21.60 -1.31 -19.57
N ILE A 261 22.48 -2.28 -19.74
CA ILE A 261 22.09 -3.64 -20.06
C ILE A 261 22.56 -4.57 -18.96
N TRP A 262 21.61 -5.36 -18.46
CA TRP A 262 21.94 -6.48 -17.63
C TRP A 262 21.89 -7.72 -18.50
N ARG A 263 23.09 -8.20 -18.83
CA ARG A 263 23.26 -9.38 -19.63
C ARG A 263 23.17 -10.63 -18.76
N VAL A 264 22.23 -11.51 -19.08
CA VAL A 264 21.95 -12.74 -18.32
C VAL A 264 22.25 -13.97 -19.17
N ALA A 265 23.10 -14.84 -18.62
CA ALA A 265 23.41 -16.12 -19.23
C ALA A 265 24.03 -17.05 -18.20
N ALA A 266 23.72 -18.33 -18.34
CA ALA A 266 24.35 -19.37 -17.54
C ALA A 266 24.19 -19.14 -16.04
N GLY A 267 23.10 -18.51 -15.64
CA GLY A 267 22.84 -18.31 -14.23
C GLY A 267 23.52 -17.09 -13.62
N SER A 268 24.20 -16.28 -14.44
CA SER A 268 24.82 -15.06 -13.93
C SER A 268 24.49 -13.81 -14.76
N VAL A 269 24.86 -12.65 -14.21
CA VAL A 269 24.48 -11.34 -14.74
C VAL A 269 25.75 -10.49 -14.93
N ASP A 270 25.85 -9.85 -16.08
CA ASP A 270 26.96 -8.94 -16.40
C ASP A 270 26.31 -7.60 -16.72
N LYS A 271 26.39 -6.65 -15.78
CA LYS A 271 25.83 -5.31 -15.97
C LYS A 271 26.81 -4.42 -16.76
N LEU A 272 26.32 -3.73 -17.78
CA LEU A 272 27.21 -2.83 -18.52
C LEU A 272 26.47 -1.63 -19.10
N THR A 273 27.27 -0.60 -19.43
CA THR A 273 26.81 0.58 -20.11
C THR A 273 27.09 0.40 -21.59
N PHE A 274 26.04 0.57 -22.37
CA PHE A 274 26.01 0.31 -23.81
C PHE A 274 25.81 1.65 -24.53
N ASP A 275 26.60 1.89 -25.57
CA ASP A 275 26.48 3.13 -26.32
C ASP A 275 26.42 2.81 -27.80
N PRO A 276 25.27 3.06 -28.41
CA PRO A 276 25.12 2.75 -29.82
C PRO A 276 25.95 3.63 -30.77
N ALA A 277 26.52 4.73 -30.25
CA ALA A 277 27.40 5.53 -31.08
C ALA A 277 28.60 4.69 -31.51
N GLY A 278 28.93 3.68 -30.71
CA GLY A 278 29.99 2.74 -31.08
C GLY A 278 29.73 1.92 -32.32
N PHE A 279 28.46 1.86 -32.72
CA PHE A 279 28.06 1.18 -33.95
C PHE A 279 27.64 2.16 -35.04
N GLY A 280 27.94 3.43 -34.86
CA GLY A 280 27.70 4.44 -35.88
C GLY A 280 26.33 5.08 -35.83
N PHE A 281 25.56 4.84 -34.78
CA PHE A 281 24.23 5.43 -34.68
C PHE A 281 24.29 6.88 -34.23
N ALA A 282 23.66 7.77 -34.98
CA ALA A 282 23.56 9.15 -34.57
C ALA A 282 22.67 9.22 -33.34
N ARG A 283 22.89 10.22 -32.52
CA ARG A 283 22.05 10.50 -31.37
C ARG A 283 20.71 11.06 -31.86
N ALA A 284 19.62 10.44 -31.44
CA ALA A 284 18.26 10.90 -31.76
C ALA A 284 17.66 11.72 -30.61
N GLN A 285 16.52 12.36 -30.84
CA GLN A 285 15.75 13.01 -29.78
C GLN A 285 14.51 12.17 -29.52
N LEU A 286 14.07 12.12 -28.27
CA LEU A 286 12.88 11.34 -27.91
C LEU A 286 11.62 11.64 -28.73
N ASP A 287 11.39 12.90 -29.04
CA ASP A 287 10.21 13.28 -29.82
C ASP A 287 10.16 12.63 -31.21
N GLN A 288 11.33 12.25 -31.74
CA GLN A 288 11.41 11.61 -33.04
C GLN A 288 10.89 10.16 -33.01
N LEU A 289 10.80 9.60 -31.81
CA LEU A 289 10.27 8.26 -31.60
C LEU A 289 8.82 8.25 -31.12
N ALA A 290 8.13 9.40 -31.21
CA ALA A 290 6.80 9.56 -30.64
C ALA A 290 5.74 8.81 -31.45
N GLY A 291 4.82 8.15 -30.75
CA GLY A 291 3.75 7.39 -31.42
C GLY A 291 2.43 8.14 -31.35
N GLY A 292 1.36 7.47 -31.78
CA GLY A 292 0.02 8.01 -31.63
C GLY A 292 -0.93 6.87 -31.41
N ASP A 293 -2.09 6.93 -32.06
CA ASP A 293 -3.07 5.85 -31.92
C ASP A 293 -2.66 4.62 -32.75
N ALA A 294 -3.46 3.57 -32.62
CA ALA A 294 -3.18 2.30 -33.25
C ALA A 294 -2.98 2.46 -34.74
N GLN A 295 -3.82 3.28 -35.37
CA GLN A 295 -3.71 3.55 -36.80
C GLN A 295 -2.40 4.26 -37.17
N ALA A 296 -2.02 5.25 -36.37
CA ALA A 296 -0.76 5.96 -36.59
C ALA A 296 0.43 5.04 -36.34
N ASN A 297 0.33 4.23 -35.30
CA ASN A 297 1.42 3.30 -35.02
C ASN A 297 1.54 2.14 -36.02
N ALA A 298 0.42 1.67 -36.53
CA ALA A 298 0.44 0.72 -37.65
C ALA A 298 1.08 1.35 -38.90
N ALA A 299 0.77 2.63 -39.16
CA ALA A 299 1.39 3.33 -40.27
C ALA A 299 2.90 3.41 -40.08
N ALA A 300 3.35 3.68 -38.86
CA ALA A 300 4.80 3.70 -38.63
C ALA A 300 5.43 2.32 -38.89
N VAL A 301 4.75 1.24 -38.53
CA VAL A 301 5.29 -0.08 -38.82
C VAL A 301 5.45 -0.25 -40.34
N ARG A 302 4.42 0.06 -41.08
CA ARG A 302 4.46 -0.13 -42.52
C ARG A 302 5.56 0.75 -43.14
N ALA A 303 5.76 1.95 -42.62
CA ALA A 303 6.80 2.80 -43.14
C ALA A 303 8.18 2.18 -42.95
N VAL A 304 8.45 1.70 -41.73
CA VAL A 304 9.77 1.12 -41.44
C VAL A 304 9.97 -0.14 -42.26
N LEU A 305 8.97 -1.01 -42.32
CA LEU A 305 9.16 -2.27 -43.01
C LEU A 305 9.29 -2.08 -44.51
N GLY A 306 8.84 -0.93 -44.99
CA GLY A 306 8.96 -0.55 -46.40
C GLY A 306 10.29 0.10 -46.76
N GLY A 307 11.16 0.29 -45.78
CA GLY A 307 12.51 0.80 -46.07
C GLY A 307 12.74 2.26 -45.72
N ALA A 308 11.80 2.93 -45.06
CA ALA A 308 11.98 4.35 -44.73
C ALA A 308 13.14 4.53 -43.75
N ARG A 309 14.07 5.41 -44.10
CA ARG A 309 15.23 5.64 -43.25
C ARG A 309 14.91 6.70 -42.21
N GLY A 310 15.53 6.62 -41.06
CA GLY A 310 15.33 7.63 -40.04
C GLY A 310 15.42 7.09 -38.64
N PRO A 311 15.17 7.97 -37.65
CA PRO A 311 15.33 7.60 -36.25
C PRO A 311 14.54 6.35 -35.81
N VAL A 312 13.33 6.19 -36.31
CA VAL A 312 12.49 5.07 -35.88
C VAL A 312 13.10 3.78 -36.41
N ARG A 313 13.48 3.76 -37.69
CA ARG A 313 14.21 2.60 -38.23
C ARG A 313 15.41 2.28 -37.36
N ASP A 314 16.22 3.29 -37.09
CA ASP A 314 17.45 3.10 -36.32
C ASP A 314 17.15 2.40 -35.00
N ALA A 315 16.13 2.85 -34.30
CA ALA A 315 15.77 2.26 -33.02
C ALA A 315 15.28 0.81 -33.16
N VAL A 316 14.52 0.55 -34.22
CA VAL A 316 14.02 -0.80 -34.49
C VAL A 316 15.19 -1.74 -34.76
N VAL A 317 16.12 -1.31 -35.60
CA VAL A 317 17.28 -2.10 -35.96
C VAL A 317 18.10 -2.39 -34.72
N LEU A 318 18.30 -1.36 -33.88
CA LEU A 318 19.08 -1.52 -32.66
C LEU A 318 18.46 -2.58 -31.73
N ASN A 319 17.15 -2.52 -31.52
CA ASN A 319 16.48 -3.47 -30.65
C ASN A 319 16.40 -4.88 -31.24
N ALA A 320 16.13 -4.98 -32.54
CA ALA A 320 16.15 -6.28 -33.23
C ALA A 320 17.50 -6.95 -33.05
N ALA A 321 18.56 -6.19 -33.21
CA ALA A 321 19.90 -6.72 -33.07
C ALA A 321 20.13 -7.21 -31.65
N GLY A 322 19.68 -6.43 -30.68
CA GLY A 322 19.72 -6.82 -29.28
C GLY A 322 19.06 -8.16 -29.02
N ALA A 323 17.90 -8.38 -29.60
CA ALA A 323 17.25 -9.69 -29.49
C ALA A 323 18.03 -10.81 -30.18
N ILE A 324 18.65 -10.50 -31.31
CA ILE A 324 19.45 -11.49 -32.02
C ILE A 324 20.68 -11.86 -31.20
N VAL A 325 21.25 -10.87 -30.53
CA VAL A 325 22.36 -11.13 -29.59
C VAL A 325 21.94 -12.04 -28.43
N ALA A 326 20.78 -11.79 -27.84
CA ALA A 326 20.29 -12.64 -26.77
C ALA A 326 20.13 -14.08 -27.28
N HIS A 327 19.51 -14.22 -28.45
CA HIS A 327 19.35 -15.53 -29.11
C HIS A 327 20.71 -16.20 -29.33
N ALA A 328 21.71 -15.44 -29.78
CA ALA A 328 23.05 -16.01 -30.00
C ALA A 328 23.67 -16.54 -28.70
N GLY A 329 23.35 -15.88 -27.59
CA GLY A 329 23.83 -16.28 -26.28
C GLY A 329 23.36 -17.64 -25.80
N LEU A 330 22.40 -18.27 -26.50
CA LEU A 330 21.89 -19.59 -26.13
C LEU A 330 22.87 -20.69 -26.51
N SER A 331 23.21 -20.75 -27.81
CA SER A 331 24.28 -21.60 -28.32
C SER A 331 25.45 -20.68 -28.60
N SER A 332 26.19 -20.34 -27.54
CA SER A 332 27.02 -19.13 -27.52
C SER A 332 28.46 -19.31 -27.97
N ARG A 333 28.65 -19.38 -29.28
CA ARG A 333 29.97 -19.22 -29.84
C ARG A 333 30.38 -17.76 -29.61
N ALA A 334 29.63 -16.87 -30.27
CA ALA A 334 30.05 -15.49 -30.50
C ALA A 334 30.23 -14.65 -29.22
N GLU A 335 31.30 -13.89 -29.25
CA GLU A 335 31.53 -12.88 -28.25
C GLU A 335 30.66 -11.66 -28.49
N TRP A 336 30.55 -10.83 -27.45
CA TRP A 336 29.65 -9.67 -27.42
C TRP A 336 29.75 -8.78 -28.64
N LEU A 337 30.93 -8.26 -28.92
CA LEU A 337 31.04 -7.29 -30.01
C LEU A 337 30.72 -7.87 -31.39
N PRO A 338 31.33 -9.00 -31.76
CA PRO A 338 30.99 -9.60 -33.06
C PRO A 338 29.50 -10.00 -33.15
N ALA A 339 28.92 -10.44 -32.04
CA ALA A 339 27.48 -10.81 -32.02
C ALA A 339 26.62 -9.60 -32.35
N TRP A 340 26.98 -8.44 -31.81
CA TRP A 340 26.26 -7.19 -32.10
C TRP A 340 26.41 -6.80 -33.57
N GLU A 341 27.63 -6.94 -34.09
CA GLU A 341 27.88 -6.56 -35.47
C GLU A 341 26.99 -7.39 -36.39
N GLU A 342 26.91 -8.69 -36.12
CA GLU A 342 26.15 -9.61 -36.91
C GLU A 342 24.66 -9.40 -36.73
N GLY A 343 24.22 -9.15 -35.48
CA GLY A 343 22.82 -8.81 -35.23
C GLY A 343 22.36 -7.57 -36.02
N LEU A 344 23.19 -6.52 -36.02
CA LEU A 344 22.86 -5.31 -36.74
C LEU A 344 22.82 -5.56 -38.25
N ARG A 345 23.74 -6.36 -38.78
CA ARG A 345 23.74 -6.71 -40.21
C ARG A 345 22.47 -7.48 -40.58
N ARG A 346 22.10 -8.45 -39.74
CA ARG A 346 20.94 -9.30 -40.00
C ARG A 346 19.64 -8.51 -39.90
N ALA A 347 19.56 -7.62 -38.92
CA ALA A 347 18.37 -6.83 -38.73
C ALA A 347 18.17 -5.85 -39.88
N SER A 348 19.23 -5.15 -40.27
CA SER A 348 19.16 -4.25 -41.42
C SER A 348 18.78 -5.01 -42.69
N ALA A 349 19.41 -6.17 -42.89
CA ALA A 349 19.14 -6.93 -44.11
C ALA A 349 17.69 -7.46 -44.16
N ALA A 350 17.16 -7.86 -43.01
CA ALA A 350 15.78 -8.29 -42.95
C ALA A 350 14.83 -7.20 -43.43
N ILE A 351 15.13 -5.95 -43.10
CA ILE A 351 14.33 -4.84 -43.64
C ILE A 351 14.62 -4.60 -45.13
N ASP A 352 15.88 -4.43 -45.45
CA ASP A 352 16.23 -3.96 -46.80
C ASP A 352 15.90 -4.96 -47.93
N THR A 353 15.92 -6.26 -47.64
CA THR A 353 15.59 -7.29 -48.64
C THR A 353 14.08 -7.50 -48.75
N GLY A 354 13.31 -6.79 -47.91
CA GLY A 354 11.88 -6.92 -47.93
C GLY A 354 11.39 -8.10 -47.11
N ALA A 355 12.28 -8.83 -46.46
CA ALA A 355 11.86 -10.02 -45.73
C ALA A 355 10.88 -9.70 -44.61
N ALA A 356 11.11 -8.58 -43.92
CA ALA A 356 10.22 -8.22 -42.79
C ALA A 356 8.83 -7.85 -43.27
N GLU A 357 8.78 -7.04 -44.32
CA GLU A 357 7.50 -6.69 -44.94
C GLU A 357 6.78 -7.94 -45.41
N GLN A 358 7.51 -8.84 -46.08
CA GLN A 358 6.94 -10.08 -46.56
C GLN A 358 6.43 -10.97 -45.41
N LEU A 359 7.14 -10.96 -44.29
CA LEU A 359 6.78 -11.82 -43.17
C LEU A 359 5.52 -11.29 -42.51
N LEU A 360 5.40 -9.98 -42.38
CA LEU A 360 4.17 -9.43 -41.85
C LEU A 360 2.99 -9.79 -42.75
N ALA A 361 3.14 -9.63 -44.07
CA ALA A 361 2.06 -10.03 -45.00
C ALA A 361 1.65 -11.49 -44.83
N ARG A 362 2.65 -12.35 -44.69
CA ARG A 362 2.47 -13.78 -44.44
C ARG A 362 1.74 -14.02 -43.12
N TRP A 363 2.06 -13.25 -42.09
CA TRP A 363 1.41 -13.43 -40.78
C TRP A 363 -0.04 -13.00 -40.84
N VAL A 364 -0.28 -11.92 -41.56
CA VAL A 364 -1.66 -11.51 -41.83
C VAL A 364 -2.42 -12.58 -42.62
N ARG A 365 -1.81 -13.14 -43.66
CA ARG A 365 -2.46 -14.18 -44.49
C ARG A 365 -2.81 -15.37 -43.63
N PHE A 366 -1.86 -15.78 -42.79
CA PHE A 366 -2.06 -16.91 -41.88
C PHE A 366 -3.34 -16.75 -41.06
N GLY A 367 -3.52 -15.56 -40.48
CA GLY A 367 -4.65 -15.30 -39.61
C GLY A 367 -5.98 -15.29 -40.35
N ARG A 368 -5.95 -14.87 -41.61
CA ARG A 368 -7.13 -14.79 -42.46
C ARG A 368 -7.51 -16.19 -42.98
N GLN A 369 -6.51 -17.03 -43.25
CA GLN A 369 -6.77 -18.43 -43.65
C GLN A 369 -7.35 -19.23 -42.48
N ILE A 370 -7.45 -18.61 -41.31
CA ILE A 370 -8.25 -19.08 -40.18
C ILE A 370 -7.40 -20.02 -39.35
N VAL B 24 -5.49 18.66 -10.82
CA VAL B 24 -6.73 18.00 -10.28
C VAL B 24 -6.43 16.57 -9.76
N PRO B 25 -6.99 16.21 -8.60
CA PRO B 25 -6.63 14.99 -7.88
C PRO B 25 -7.20 13.68 -8.44
N SER B 26 -6.41 12.62 -8.34
CA SER B 26 -6.84 11.31 -8.77
C SER B 26 -6.04 10.33 -7.96
N TRP B 27 -6.50 9.08 -7.93
CA TRP B 27 -5.78 8.01 -7.27
C TRP B 27 -4.38 7.78 -7.85
N PRO B 28 -4.25 7.67 -9.19
CA PRO B 28 -2.90 7.49 -9.71
C PRO B 28 -1.92 8.58 -9.28
N GLN B 29 -2.38 9.82 -9.25
CA GLN B 29 -1.54 10.92 -8.83
C GLN B 29 -1.12 10.81 -7.37
N ILE B 30 -2.11 10.58 -6.53
CA ILE B 30 -1.92 10.58 -5.09
C ILE B 30 -1.11 9.32 -4.68
N LEU B 31 -1.54 8.16 -5.16
CA LEU B 31 -0.80 6.93 -4.86
C LEU B 31 0.60 6.93 -5.43
N GLY B 32 0.77 7.50 -6.63
CA GLY B 32 2.11 7.64 -7.24
C GLY B 32 3.06 8.48 -6.41
N ARG B 33 2.52 9.56 -5.85
CA ARG B 33 3.30 10.44 -4.99
C ARG B 33 3.75 9.74 -3.71
N LEU B 34 2.82 9.03 -3.08
CA LEU B 34 3.15 8.29 -1.86
C LEU B 34 4.13 7.16 -2.11
N THR B 35 3.93 6.39 -3.18
CA THR B 35 4.90 5.31 -3.48
C THR B 35 6.28 5.83 -3.86
N ASP B 36 6.36 7.08 -4.32
CA ASP B 36 7.66 7.76 -4.50
C ASP B 36 8.22 8.32 -3.18
N ASN B 37 7.57 8.01 -2.06
CA ASN B 37 7.98 8.51 -0.74
C ASN B 37 7.96 10.04 -0.58
N ARG B 38 6.97 10.65 -1.17
CA ARG B 38 6.81 12.09 -1.12
C ARG B 38 5.57 12.42 -0.29
N ASP B 39 5.67 13.48 0.49
CA ASP B 39 4.51 14.03 1.18
C ASP B 39 3.55 14.52 0.11
N LEU B 40 2.27 14.47 0.44
CA LEU B 40 1.23 14.93 -0.45
C LEU B 40 1.23 16.45 -0.52
N ALA B 41 0.61 16.95 -1.58
CA ALA B 41 0.30 18.36 -1.72
C ALA B 41 -0.89 18.66 -0.84
N ARG B 42 -0.99 19.91 -0.40
CA ARG B 42 -2.14 20.35 0.38
C ARG B 42 -3.41 19.97 -0.34
N GLY B 43 -4.34 19.37 0.41
CA GLY B 43 -5.64 19.05 -0.13
C GLY B 43 -5.78 17.64 -0.70
N GLN B 44 -4.66 16.98 -0.99
CA GLN B 44 -4.76 15.65 -1.56
C GLN B 44 -5.34 14.61 -0.59
N ALA B 45 -4.87 14.62 0.65
CA ALA B 45 -5.36 13.70 1.66
C ALA B 45 -6.84 13.97 1.89
N ALA B 46 -7.25 15.23 1.92
CA ALA B 46 -8.65 15.61 2.07
C ALA B 46 -9.52 15.02 0.94
N TRP B 47 -9.06 15.14 -0.30
CA TRP B 47 -9.75 14.56 -1.45
C TRP B 47 -9.91 13.06 -1.29
N ALA B 48 -8.84 12.40 -0.91
CA ALA B 48 -8.88 10.94 -0.72
C ALA B 48 -9.93 10.60 0.35
N MET B 49 -9.90 11.34 1.45
CA MET B 49 -10.86 11.06 2.50
C MET B 49 -12.31 11.35 2.07
N ASP B 50 -12.55 12.40 1.27
CA ASP B 50 -13.94 12.61 0.88
CA ASP B 50 -13.89 12.72 0.70
C ASP B 50 -14.39 11.50 -0.07
N GLN B 51 -13.49 10.96 -0.89
CA GLN B 51 -13.84 9.81 -1.75
C GLN B 51 -14.22 8.62 -0.86
N ILE B 52 -13.41 8.39 0.19
CA ILE B 52 -13.60 7.26 1.08
C ILE B 52 -14.92 7.38 1.85
N MET B 53 -15.20 8.58 2.33
CA MET B 53 -16.36 8.82 3.19
C MET B 53 -17.68 8.89 2.39
N THR B 54 -17.61 9.15 1.09
CA THR B 54 -18.81 9.21 0.25
C THR B 54 -19.12 7.88 -0.45
N GLY B 55 -18.36 6.83 -0.16
CA GLY B 55 -18.53 5.57 -0.86
C GLY B 55 -18.02 5.54 -2.30
N ASN B 56 -17.30 6.57 -2.72
CA ASN B 56 -16.79 6.60 -4.10
C ASN B 56 -15.42 5.95 -4.29
N ALA B 57 -14.74 5.57 -3.22
CA ALA B 57 -13.47 4.87 -3.34
C ALA B 57 -13.73 3.37 -3.36
N ARG B 58 -13.12 2.68 -4.32
CA ARG B 58 -13.15 1.23 -4.36
C ARG B 58 -12.32 0.70 -3.19
N PRO B 59 -12.69 -0.46 -2.65
CA PRO B 59 -11.89 -1.07 -1.58
C PRO B 59 -10.40 -1.12 -1.95
N ALA B 60 -10.06 -1.44 -3.20
CA ALA B 60 -8.66 -1.49 -3.62
C ALA B 60 -7.94 -0.13 -3.47
N GLN B 61 -8.65 0.94 -3.80
CA GLN B 61 -8.15 2.31 -3.64
C GLN B 61 -7.97 2.68 -2.19
N ILE B 62 -8.94 2.34 -1.38
CA ILE B 62 -8.85 2.58 0.05
C ILE B 62 -7.64 1.88 0.64
N ALA B 63 -7.46 0.60 0.30
CA ALA B 63 -6.35 -0.18 0.84
C ALA B 63 -4.99 0.33 0.37
N ALA B 64 -4.91 0.67 -0.91
CA ALA B 64 -3.67 1.19 -1.46
C ALA B 64 -3.27 2.48 -0.75
N PHE B 65 -4.25 3.35 -0.54
CA PHE B 65 -4.03 4.63 0.12
C PHE B 65 -3.59 4.43 1.58
N ALA B 66 -4.28 3.56 2.29
CA ALA B 66 -3.97 3.33 3.70
C ALA B 66 -2.55 2.82 3.83
N VAL B 67 -2.21 1.82 3.02
CA VAL B 67 -0.88 1.23 3.09
C VAL B 67 0.20 2.23 2.67
N ALA B 68 -0.03 2.92 1.55
CA ALA B 68 1.01 3.84 1.03
C ALA B 68 1.26 4.99 2.00
N MET B 69 0.19 5.52 2.57
CA MET B 69 0.32 6.60 3.55
C MET B 69 1.16 6.12 4.73
N THR B 70 0.90 4.90 5.17
CA THR B 70 1.62 4.31 6.28
C THR B 70 3.12 4.12 6.01
N MET B 71 3.48 3.56 4.85
CA MET B 71 4.87 3.30 4.54
C MET B 71 5.65 4.56 4.22
N LYS B 72 4.96 5.55 3.69
CA LYS B 72 5.61 6.84 3.45
C LYS B 72 5.87 7.53 4.80
N ALA B 73 4.89 7.46 5.67
CA ALA B 73 4.96 8.03 7.04
C ALA B 73 4.19 9.31 6.95
N PRO B 74 2.97 9.30 7.49
CA PRO B 74 2.09 10.44 7.37
C PRO B 74 2.59 11.66 8.14
N THR B 75 2.27 12.85 7.65
CA THR B 75 2.56 14.10 8.36
C THR B 75 1.33 14.57 9.15
N ALA B 76 1.55 15.48 10.10
CA ALA B 76 0.47 16.07 10.86
C ALA B 76 -0.54 16.78 9.96
N ASP B 77 -0.06 17.48 8.96
CA ASP B 77 -0.94 18.13 8.00
C ASP B 77 -1.86 17.13 7.28
N GLU B 78 -1.28 16.02 6.86
CA GLU B 78 -2.05 15.01 6.12
C GLU B 78 -3.13 14.37 7.00
N VAL B 79 -2.75 14.00 8.21
CA VAL B 79 -3.66 13.36 9.16
C VAL B 79 -4.73 14.35 9.57
N GLY B 80 -4.36 15.61 9.72
CA GLY B 80 -5.34 16.67 9.99
C GLY B 80 -6.39 16.78 8.89
N GLU B 81 -5.99 16.56 7.65
CA GLU B 81 -6.96 16.60 6.53
C GLU B 81 -7.90 15.41 6.61
N LEU B 82 -7.33 14.25 6.85
CA LEU B 82 -8.14 13.04 6.98
C LEU B 82 -9.17 13.19 8.10
N ALA B 83 -8.72 13.62 9.28
CA ALA B 83 -9.57 13.73 10.46
C ALA B 83 -10.64 14.81 10.30
N GLY B 84 -10.27 15.93 9.70
CA GLY B 84 -11.21 17.03 9.48
C GLY B 84 -12.32 16.66 8.53
N VAL B 85 -11.97 15.94 7.47
CA VAL B 85 -12.98 15.46 6.56
C VAL B 85 -13.88 14.43 7.25
N MET B 86 -13.29 13.50 7.98
CA MET B 86 -14.08 12.47 8.64
C MET B 86 -15.06 13.13 9.63
N LEU B 87 -14.56 14.08 10.41
CA LEU B 87 -15.41 14.82 11.35
C LEU B 87 -16.57 15.53 10.66
N SER B 88 -16.32 16.11 9.49
CA SER B 88 -17.37 16.81 8.77
C SER B 88 -18.55 15.88 8.40
N HIS B 89 -18.28 14.58 8.26
CA HIS B 89 -19.32 13.58 8.00
C HIS B 89 -19.97 12.97 9.24
N ALA B 90 -19.45 13.28 10.42
CA ALA B 90 -19.91 12.69 11.67
C ALA B 90 -21.17 13.38 12.16
N HIS B 91 -22.00 12.66 12.89
CA HIS B 91 -23.13 13.30 13.58
C HIS B 91 -22.59 14.11 14.74
N PRO B 92 -22.97 15.37 14.86
CA PRO B 92 -22.52 16.15 15.99
C PRO B 92 -23.42 15.95 17.22
N LEU B 93 -22.95 16.34 18.39
CA LEU B 93 -23.83 16.50 19.54
C LEU B 93 -24.65 17.78 19.35
N PRO B 94 -25.84 17.84 19.96
CA PRO B 94 -26.68 19.03 19.81
C PRO B 94 -25.97 20.27 20.32
N ALA B 95 -26.28 21.44 19.77
CA ALA B 95 -25.58 22.68 20.12
C ALA B 95 -25.60 22.98 21.62
N ASP B 96 -24.47 23.47 22.14
CA ASP B 96 -24.33 23.88 23.54
C ASP B 96 -24.52 22.78 24.59
N THR B 97 -24.29 21.53 24.21
CA THR B 97 -24.48 20.42 25.15
C THR B 97 -23.17 19.84 25.70
N VAL B 98 -22.04 20.20 25.09
CA VAL B 98 -20.74 19.71 25.57
C VAL B 98 -20.06 20.86 26.26
N PRO B 99 -19.72 20.72 27.56
CA PRO B 99 -18.97 21.79 28.23
C PRO B 99 -17.69 22.07 27.48
N ASP B 100 -17.26 23.32 27.36
CA ASP B 100 -16.03 23.58 26.59
C ASP B 100 -14.76 23.10 27.30
N ASP B 101 -14.90 22.52 28.49
CA ASP B 101 -13.78 21.95 29.22
C ASP B 101 -13.85 20.41 29.31
N ALA B 102 -14.61 19.77 28.43
CA ALA B 102 -14.67 18.31 28.39
C ALA B 102 -13.36 17.66 27.93
N VAL B 103 -13.10 16.45 28.40
CA VAL B 103 -11.90 15.70 28.06
C VAL B 103 -12.24 14.31 27.57
N ASP B 104 -11.30 13.78 26.78
CA ASP B 104 -11.36 12.40 26.32
C ASP B 104 -10.20 11.68 27.01
N VAL B 105 -10.37 10.37 27.17
CA VAL B 105 -9.31 9.49 27.63
C VAL B 105 -9.39 8.27 26.74
N VAL B 106 -8.42 8.11 25.84
CA VAL B 106 -8.59 7.16 24.73
C VAL B 106 -7.26 6.91 24.07
N GLY B 107 -7.08 5.72 23.51
CA GLY B 107 -5.87 5.41 22.79
C GLY B 107 -6.16 4.81 21.43
N THR B 108 -5.13 4.68 20.63
CA THR B 108 -5.25 4.03 19.34
C THR B 108 -5.54 2.54 19.50
N GLY B 109 -5.18 1.97 20.66
CA GLY B 109 -5.27 0.53 20.85
C GLY B 109 -4.17 -0.12 20.04
N GLY B 110 -4.27 -1.45 19.87
CA GLY B 110 -3.32 -2.18 19.03
C GLY B 110 -1.94 -2.37 19.63
N ASP B 111 -1.82 -2.16 20.95
CA ASP B 111 -0.55 -2.39 21.63
C ASP B 111 -0.21 -3.90 21.67
N GLY B 112 -1.22 -4.74 21.42
CA GLY B 112 -1.01 -6.18 21.30
C GLY B 112 -0.65 -6.81 22.63
N VAL B 113 -1.13 -6.21 23.73
CA VAL B 113 -0.79 -6.66 25.08
C VAL B 113 -2.00 -7.13 25.89
N ASN B 114 -3.22 -6.75 25.50
CA ASN B 114 -4.44 -7.18 26.21
C ASN B 114 -4.38 -6.87 27.72
N THR B 115 -4.50 -5.60 28.05
CA THR B 115 -4.60 -5.17 29.45
C THR B 115 -6.06 -4.97 29.82
N VAL B 116 -6.31 -4.88 31.12
CA VAL B 116 -7.59 -4.38 31.59
C VAL B 116 -7.81 -3.01 30.95
N ASN B 117 -9.06 -2.55 31.00
CA ASN B 117 -9.47 -1.38 30.26
C ASN B 117 -9.07 -0.12 30.99
N LEU B 118 -7.80 0.22 30.88
CA LEU B 118 -7.27 1.30 31.70
C LEU B 118 -7.88 2.65 31.40
N SER B 119 -8.08 2.96 30.12
CA SER B 119 -8.64 4.23 29.72
C SER B 119 -10.07 4.37 30.22
N THR B 120 -10.80 3.26 30.19
CA THR B 120 -12.21 3.29 30.62
C THR B 120 -12.34 3.53 32.13
N MET B 121 -11.55 2.83 32.92
CA MET B 121 -11.48 3.08 34.35
C MET B 121 -11.04 4.49 34.68
N ALA B 122 -9.97 4.97 34.03
CA ALA B 122 -9.51 6.33 34.25
C ALA B 122 -10.57 7.36 33.92
N ALA B 123 -11.30 7.13 32.84
CA ALA B 123 -12.41 8.03 32.47
C ALA B 123 -13.45 8.18 33.57
N ILE B 124 -13.84 7.06 34.16
CA ILE B 124 -14.80 7.08 35.26
C ILE B 124 -14.26 7.89 36.44
N VAL B 125 -12.98 7.70 36.77
CA VAL B 125 -12.37 8.39 37.90
C VAL B 125 -12.23 9.89 37.62
N VAL B 126 -11.83 10.22 36.40
CA VAL B 126 -11.74 11.61 35.98
C VAL B 126 -13.09 12.32 36.08
N ALA B 127 -14.14 11.69 35.59
CA ALA B 127 -15.45 12.30 35.63
C ALA B 127 -15.85 12.47 37.09
N ALA B 128 -15.50 11.49 37.92
CA ALA B 128 -15.85 11.54 39.34
C ALA B 128 -15.07 12.62 40.08
N ALA B 129 -13.88 12.97 39.58
CA ALA B 129 -13.15 14.12 40.09
C ALA B 129 -13.73 15.49 39.67
N GLY B 130 -14.81 15.48 38.88
CA GLY B 130 -15.50 16.71 38.51
C GLY B 130 -15.15 17.22 37.14
N VAL B 131 -14.48 16.42 36.32
CA VAL B 131 -14.09 16.84 34.98
C VAL B 131 -15.01 16.13 33.98
N PRO B 132 -15.76 16.89 33.13
CA PRO B 132 -16.64 16.19 32.19
C PRO B 132 -15.85 15.36 31.19
N VAL B 133 -16.31 14.13 30.96
CA VAL B 133 -15.62 13.21 30.11
C VAL B 133 -16.56 12.80 29.02
N VAL B 134 -16.12 12.94 27.78
CA VAL B 134 -16.88 12.33 26.69
C VAL B 134 -16.00 11.34 25.90
N LYS B 135 -16.30 10.04 26.04
CA LYS B 135 -15.54 8.97 25.37
C LYS B 135 -16.14 8.55 24.04
N HIS B 136 -15.33 7.83 23.28
CA HIS B 136 -15.59 7.57 21.88
C HIS B 136 -15.16 6.14 21.54
N GLY B 137 -16.02 5.25 21.03
CA GLY B 137 -15.50 3.93 20.61
C GLY B 137 -16.41 2.87 20.04
N ASN B 138 -15.87 1.64 19.92
CA ASN B 138 -16.61 0.51 19.30
C ASN B 138 -16.44 -0.78 20.11
N ARG B 139 -17.39 -1.72 19.95
CA ARG B 139 -17.23 -3.10 20.45
C ARG B 139 -16.01 -3.71 19.77
N ALA B 140 -15.26 -4.56 20.46
CA ALA B 140 -13.91 -4.99 19.97
C ALA B 140 -13.92 -6.26 19.10
N LEU B 144 -9.27 -9.21 24.07
CA LEU B 144 -10.52 -9.91 24.33
C LEU B 144 -11.69 -8.92 24.50
N SER B 145 -11.53 -7.96 25.40
CA SER B 145 -12.62 -7.03 25.74
C SER B 145 -12.22 -5.56 25.61
N GLY B 146 -12.84 -4.85 24.69
CA GLY B 146 -12.62 -3.42 24.55
C GLY B 146 -13.38 -2.61 25.59
N GLY B 147 -13.12 -1.31 25.59
CA GLY B 147 -13.75 -0.39 26.53
C GLY B 147 -15.25 -0.54 26.49
N ALA B 148 -15.78 -0.48 25.28
CA ALA B 148 -17.20 -0.54 25.03
C ALA B 148 -17.83 -1.84 25.54
N ASP B 149 -17.18 -2.97 25.29
CA ASP B 149 -17.69 -4.29 25.67
C ASP B 149 -17.74 -4.40 27.20
N THR B 150 -16.72 -3.87 27.85
CA THR B 150 -16.64 -3.88 29.32
C THR B 150 -17.73 -2.99 29.92
N LEU B 151 -17.98 -1.85 29.28
CA LEU B 151 -19.03 -0.95 29.76
C LEU B 151 -20.41 -1.64 29.69
N GLU B 152 -20.67 -2.33 28.58
CA GLU B 152 -21.89 -3.11 28.47
C GLU B 152 -22.02 -4.19 29.51
N ALA B 153 -20.92 -4.89 29.78
CA ALA B 153 -20.91 -5.91 30.82
C ALA B 153 -21.22 -5.31 32.19
N LEU B 154 -20.85 -4.03 32.40
CA LEU B 154 -21.18 -3.34 33.66
C LEU B 154 -22.63 -2.81 33.71
N GLY B 155 -23.33 -2.94 32.60
CA GLY B 155 -24.73 -2.46 32.51
C GLY B 155 -24.90 -1.07 31.92
N VAL B 156 -23.82 -0.48 31.41
CA VAL B 156 -23.86 0.85 30.83
C VAL B 156 -24.43 0.73 29.41
N ARG B 157 -25.29 1.66 28.98
CA ARG B 157 -25.84 1.63 27.61
C ARG B 157 -24.92 2.41 26.71
N ILE B 158 -24.26 1.73 25.78
CA ILE B 158 -23.22 2.38 24.99
C ILE B 158 -23.69 2.96 23.65
N ASP B 159 -24.82 2.50 23.12
CA ASP B 159 -25.21 2.87 21.75
C ASP B 159 -26.39 3.82 21.84
N LEU B 160 -26.09 5.05 22.22
CA LEU B 160 -27.07 6.11 22.35
C LEU B 160 -26.84 7.20 21.32
N GLY B 161 -27.93 7.79 20.85
CA GLY B 161 -27.85 8.91 19.96
C GLY B 161 -27.31 10.18 20.61
N PRO B 162 -27.01 11.18 19.78
CA PRO B 162 -26.50 12.49 20.18
C PRO B 162 -27.26 13.12 21.33
N ASP B 163 -28.60 13.11 21.29
CA ASP B 163 -29.38 13.80 22.32
C ASP B 163 -29.16 13.13 23.68
N LEU B 164 -29.10 11.80 23.68
CA LEU B 164 -28.95 11.05 24.92
C LEU B 164 -27.52 11.08 25.46
N VAL B 165 -26.52 11.12 24.58
CA VAL B 165 -25.17 11.33 25.05
C VAL B 165 -25.05 12.71 25.72
N ALA B 166 -25.65 13.72 25.10
CA ALA B 166 -25.67 15.04 25.69
C ALA B 166 -26.33 15.06 27.07
N ARG B 167 -27.46 14.37 27.19
CA ARG B 167 -28.16 14.28 28.46
C ARG B 167 -27.32 13.56 29.52
N SER B 168 -26.67 12.48 29.11
CA SER B 168 -25.78 11.75 30.00
C SER B 168 -24.67 12.65 30.55
N LEU B 169 -24.03 13.37 29.65
CA LEU B 169 -22.96 14.28 30.04
C LEU B 169 -23.47 15.32 31.05
N ALA B 170 -24.67 15.85 30.82
CA ALA B 170 -25.28 16.81 31.74
C ALA B 170 -25.64 16.18 33.07
N GLU B 171 -26.23 15.00 33.04
CA GLU B 171 -26.82 14.46 34.25
C GLU B 171 -25.86 13.61 35.04
N VAL B 172 -24.93 12.94 34.36
CA VAL B 172 -24.01 12.00 35.00
C VAL B 172 -22.56 12.57 35.07
N GLY B 173 -22.18 13.41 34.13
CA GLY B 173 -20.81 13.93 34.01
C GLY B 173 -19.92 13.14 33.04
N ILE B 174 -20.50 12.17 32.37
CA ILE B 174 -19.78 11.37 31.41
C ILE B 174 -20.77 10.92 30.32
N GLY B 175 -20.27 10.74 29.10
CA GLY B 175 -21.04 10.14 28.03
C GLY B 175 -20.15 9.33 27.12
N PHE B 176 -20.75 8.49 26.29
CA PHE B 176 -19.98 7.63 25.43
C PHE B 176 -20.55 7.72 24.03
N CYS B 177 -19.72 8.13 23.06
CA CYS B 177 -20.12 8.15 21.65
C CYS B 177 -19.72 6.84 20.98
N PHE B 178 -20.70 6.05 20.59
CA PHE B 178 -20.48 4.75 19.91
C PHE B 178 -20.09 5.00 18.46
N ALA B 179 -18.87 4.67 18.09
CA ALA B 179 -18.31 5.10 16.80
C ALA B 179 -19.18 4.75 15.57
N PRO B 180 -19.71 3.50 15.48
CA PRO B 180 -20.54 3.20 14.30
C PRO B 180 -21.80 4.04 14.20
N ARG B 181 -22.29 4.51 15.34
CA ARG B 181 -23.47 5.33 15.36
CA ARG B 181 -23.47 5.36 15.48
C ARG B 181 -23.18 6.78 14.95
N PHE B 182 -22.01 7.29 15.31
CA PHE B 182 -21.62 8.67 14.97
C PHE B 182 -20.90 8.87 13.63
N HIS B 183 -20.24 7.81 13.16
CA HIS B 183 -19.47 7.80 11.92
C HIS B 183 -19.96 6.74 10.92
N PRO B 184 -21.26 6.75 10.64
CA PRO B 184 -21.78 5.74 9.72
C PRO B 184 -21.11 5.69 8.34
N SER B 185 -20.68 6.85 7.85
CA SER B 185 -20.01 6.94 6.56
C SER B 185 -18.59 6.36 6.51
N TYR B 186 -18.02 6.02 7.66
CA TYR B 186 -16.73 5.37 7.76
C TYR B 186 -16.81 3.87 7.47
N ARG B 187 -18.00 3.32 7.25
CA ARG B 187 -18.14 1.87 7.12
C ARG B 187 -17.31 1.26 6.00
N HIS B 188 -17.10 1.96 4.89
CA HIS B 188 -16.30 1.45 3.77
C HIS B 188 -14.84 1.29 4.20
N ALA B 189 -14.31 2.29 4.90
CA ALA B 189 -12.96 2.23 5.40
C ALA B 189 -12.79 1.14 6.44
N ALA B 190 -13.76 1.05 7.36
CA ALA B 190 -13.71 0.09 8.43
C ALA B 190 -13.63 -1.34 7.90
N ALA B 191 -14.41 -1.64 6.87
CA ALA B 191 -14.39 -2.97 6.23
C ALA B 191 -13.03 -3.30 5.62
N VAL B 192 -12.44 -2.33 4.94
CA VAL B 192 -11.11 -2.51 4.35
C VAL B 192 -10.07 -2.75 5.43
N ARG B 193 -10.17 -1.99 6.53
CA ARG B 193 -9.26 -2.15 7.63
C ARG B 193 -9.29 -3.58 8.18
N ARG B 194 -10.48 -4.16 8.30
CA ARG B 194 -10.59 -5.54 8.76
C ARG B 194 -10.00 -6.51 7.76
N GLU B 195 -10.23 -6.28 6.48
CA GLU B 195 -9.74 -7.17 5.44
C GLU B 195 -8.22 -7.23 5.39
N ILE B 196 -7.54 -6.11 5.60
CA ILE B 196 -6.08 -6.13 5.50
C ILE B 196 -5.40 -6.46 6.82
N GLY B 197 -6.05 -6.15 7.94
CA GLY B 197 -5.56 -6.60 9.23
C GLY B 197 -4.49 -5.70 9.80
N VAL B 198 -3.52 -5.34 8.97
CA VAL B 198 -2.34 -4.60 9.37
C VAL B 198 -2.70 -3.18 9.87
N PRO B 199 -2.03 -2.69 10.94
CA PRO B 199 -2.14 -1.27 11.33
C PRO B 199 -1.75 -0.32 10.21
N THR B 200 -2.51 0.77 10.08
CA THR B 200 -2.23 1.83 9.12
C THR B 200 -2.50 3.17 9.77
N VAL B 201 -2.25 4.22 9.00
CA VAL B 201 -2.60 5.57 9.41
C VAL B 201 -4.04 5.68 9.88
N PHE B 202 -4.96 4.87 9.36
CA PHE B 202 -6.32 4.92 9.82
C PHE B 202 -6.47 4.61 11.32
N ASN B 203 -5.55 3.82 11.87
CA ASN B 203 -5.58 3.51 13.30
C ASN B 203 -5.43 4.78 14.15
N LEU B 204 -4.89 5.85 13.58
CA LEU B 204 -4.75 7.11 14.32
C LEU B 204 -6.03 7.92 14.45
N LEU B 205 -7.05 7.61 13.69
CA LEU B 205 -8.14 8.58 13.49
C LEU B 205 -9.15 8.63 14.63
N GLY B 206 -9.32 7.52 15.36
CA GLY B 206 -10.28 7.44 16.46
C GLY B 206 -10.14 8.58 17.45
N PRO B 207 -8.94 8.72 18.04
CA PRO B 207 -8.75 9.81 19.00
C PRO B 207 -8.90 11.19 18.42
N LEU B 208 -8.68 11.34 17.11
CA LEU B 208 -8.77 12.63 16.44
C LEU B 208 -10.15 12.95 15.90
N THR B 209 -11.11 12.04 16.03
CA THR B 209 -12.43 12.25 15.44
C THR B 209 -13.58 12.04 16.44
N ASN B 210 -13.30 12.26 17.72
CA ASN B 210 -14.34 12.26 18.74
C ASN B 210 -15.42 13.27 18.35
N PRO B 211 -16.66 12.80 18.17
CA PRO B 211 -17.65 13.70 17.61
C PRO B 211 -18.12 14.79 18.52
N ALA B 212 -17.86 14.66 19.82
CA ALA B 212 -18.16 15.73 20.77
C ALA B 212 -17.09 16.80 20.77
N ARG B 213 -15.96 16.58 20.07
CA ARG B 213 -14.90 17.58 19.92
C ARG B 213 -14.34 18.14 21.25
N PRO B 214 -14.08 17.27 22.24
CA PRO B 214 -13.45 17.76 23.46
C PRO B 214 -12.12 18.44 23.14
N ARG B 215 -11.80 19.52 23.83
CA ARG B 215 -10.57 20.26 23.54
C ARG B 215 -9.35 19.80 24.40
N ALA B 216 -9.58 18.84 25.29
CA ALA B 216 -8.51 18.28 26.10
C ALA B 216 -8.57 16.77 26.09
N GLY B 217 -7.45 16.14 26.42
CA GLY B 217 -7.44 14.71 26.50
C GLY B 217 -6.13 14.07 26.91
N LEU B 218 -6.23 12.82 27.37
CA LEU B 218 -5.07 11.95 27.51
C LEU B 218 -5.21 10.91 26.40
N ILE B 219 -4.29 10.97 25.45
CA ILE B 219 -4.39 10.18 24.23
C ILE B 219 -3.22 9.21 24.10
N GLY B 220 -3.51 7.92 24.16
CA GLY B 220 -2.47 6.90 24.07
C GLY B 220 -2.17 6.55 22.62
N CYS B 221 -0.92 6.28 22.30
CA CYS B 221 -0.55 5.82 20.96
C CYS B 221 0.37 4.62 21.06
N ALA B 222 -0.06 3.53 20.46
CA ALA B 222 0.68 2.25 20.50
C ALA B 222 1.94 2.27 19.63
N PHE B 223 2.00 3.25 18.71
CA PHE B 223 3.06 3.33 17.69
C PHE B 223 3.91 4.57 17.99
N ALA B 224 5.15 4.34 18.42
CA ALA B 224 6.05 5.37 18.96
C ALA B 224 6.29 6.62 18.10
N ASP B 225 6.50 6.44 16.80
CA ASP B 225 6.81 7.58 15.89
C ASP B 225 5.56 8.38 15.53
N LEU B 226 4.43 7.70 15.50
CA LEU B 226 3.18 8.30 15.11
C LEU B 226 2.57 9.15 16.22
N ALA B 227 3.07 8.95 17.45
CA ALA B 227 2.60 9.74 18.57
C ALA B 227 2.92 11.20 18.31
N GLU B 228 4.10 11.48 17.75
CA GLU B 228 4.48 12.85 17.47
C GLU B 228 3.56 13.50 16.44
N VAL B 229 3.15 12.71 15.44
CA VAL B 229 2.23 13.19 14.42
C VAL B 229 0.86 13.51 15.04
N MET B 230 0.35 12.63 15.90
CA MET B 230 -0.93 12.88 16.55
C MET B 230 -0.82 14.15 17.39
N ALA B 231 0.29 14.32 18.10
CA ALA B 231 0.50 15.53 18.86
C ALA B 231 0.43 16.77 17.98
N GLY B 232 1.01 16.68 16.78
CA GLY B 232 0.97 17.81 15.84
C GLY B 232 -0.44 18.20 15.43
N VAL B 233 -1.30 17.21 15.24
CA VAL B 233 -2.67 17.47 14.83
C VAL B 233 -3.40 18.20 15.97
N PHE B 234 -3.26 17.69 17.19
CA PHE B 234 -3.80 18.40 18.37
C PHE B 234 -3.26 19.80 18.57
N ALA B 235 -1.97 19.99 18.29
CA ALA B 235 -1.35 21.32 18.40
C ALA B 235 -2.00 22.27 17.40
N ALA B 236 -2.25 21.80 16.18
CA ALA B 236 -2.89 22.63 15.14
C ALA B 236 -4.30 23.07 15.56
N ARG B 237 -4.98 22.24 16.35
CA ARG B 237 -6.30 22.56 16.89
C ARG B 237 -6.25 23.36 18.16
N ARG B 238 -5.07 23.62 18.69
CA ARG B 238 -4.90 24.27 19.99
C ARG B 238 -5.58 23.56 21.13
N SER B 239 -5.56 22.22 21.07
CA SER B 239 -6.06 21.40 22.16
C SER B 239 -5.05 21.34 23.28
N SER B 240 -5.50 21.00 24.48
CA SER B 240 -4.62 20.72 25.60
C SER B 240 -4.59 19.22 25.79
N VAL B 241 -3.53 18.58 25.32
CA VAL B 241 -3.47 17.14 25.27
C VAL B 241 -2.12 16.63 25.77
N LEU B 242 -2.14 15.50 26.45
CA LEU B 242 -0.92 14.72 26.61
C LEU B 242 -1.06 13.50 25.72
N VAL B 243 -0.17 13.36 24.76
CA VAL B 243 -0.09 12.15 23.96
C VAL B 243 0.98 11.27 24.59
N VAL B 244 0.63 10.03 24.90
CA VAL B 244 1.49 9.18 25.71
C VAL B 244 1.79 7.85 25.02
N HIS B 245 3.01 7.39 25.22
CA HIS B 245 3.41 6.08 24.76
C HIS B 245 4.30 5.49 25.85
N GLY B 246 3.84 4.41 26.48
CA GLY B 246 4.67 3.67 27.44
C GLY B 246 5.87 3.08 26.71
N ASP B 247 7.04 3.13 27.34
CA ASP B 247 8.25 2.61 26.69
C ASP B 247 8.30 1.08 26.70
N ASP B 248 7.31 0.43 27.33
CA ASP B 248 7.03 -1.01 27.14
C ASP B 248 6.01 -1.25 25.99
N GLY B 249 5.62 -0.18 25.30
CA GLY B 249 4.73 -0.29 24.13
C GLY B 249 3.24 -0.15 24.40
N LEU B 250 2.87 0.16 25.64
CA LEU B 250 1.45 0.39 25.93
C LEU B 250 1.00 1.73 25.34
N ASP B 251 -0.27 1.79 24.93
CA ASP B 251 -0.90 3.05 24.53
C ASP B 251 -1.59 3.67 25.77
N GLU B 252 -0.94 3.57 26.93
CA GLU B 252 -1.43 4.14 28.18
C GLU B 252 -0.20 4.59 28.95
N LEU B 253 -0.39 5.39 29.99
CA LEU B 253 0.72 5.65 30.90
C LEU B 253 0.91 4.39 31.66
N THR B 254 2.15 3.91 31.66
CA THR B 254 2.41 2.64 32.30
C THR B 254 3.08 2.79 33.68
N THR B 255 2.92 1.76 34.48
CA THR B 255 3.60 1.61 35.75
C THR B 255 4.79 0.62 35.64
N THR B 256 4.89 -0.10 34.52
CA THR B 256 5.96 -1.09 34.35
C THR B 256 7.29 -0.46 33.92
N THR B 257 7.24 0.72 33.33
CA THR B 257 8.48 1.46 33.00
C THR B 257 8.18 2.95 32.77
N THR B 258 9.14 3.65 32.17
CA THR B 258 8.97 5.06 31.84
C THR B 258 8.05 5.19 30.64
N SER B 259 7.51 6.39 30.45
CA SER B 259 6.70 6.67 29.26
C SER B 259 7.22 7.91 28.55
N THR B 260 6.92 8.05 27.27
CA THR B 260 7.16 9.30 26.57
C THR B 260 5.84 10.06 26.46
N ILE B 261 5.87 11.33 26.78
CA ILE B 261 4.69 12.18 26.73
C ILE B 261 5.01 13.38 25.87
N TRP B 262 4.17 13.61 24.88
CA TRP B 262 4.19 14.85 24.13
C TRP B 262 3.11 15.71 24.75
N ARG B 263 3.55 16.77 25.41
CA ARG B 263 2.68 17.76 26.05
C ARG B 263 2.28 18.80 25.01
N VAL B 264 0.99 18.87 24.69
CA VAL B 264 0.50 19.83 23.73
C VAL B 264 -0.27 20.88 24.49
N ALA B 265 0.18 22.12 24.36
CA ALA B 265 -0.53 23.26 24.92
C ALA B 265 -0.04 24.52 24.22
N ALA B 266 -0.90 25.51 24.13
CA ALA B 266 -0.56 26.77 23.43
C ALA B 266 -0.14 26.53 21.97
N GLY B 267 -0.74 25.53 21.33
CA GLY B 267 -0.39 25.18 19.95
C GLY B 267 1.05 24.72 19.74
N SER B 268 1.74 24.34 20.82
CA SER B 268 3.11 23.84 20.76
C SER B 268 3.25 22.48 21.46
N VAL B 269 4.13 21.63 20.91
CA VAL B 269 4.43 20.29 21.40
C VAL B 269 5.75 20.24 22.19
N ASP B 270 5.66 19.82 23.44
CA ASP B 270 6.78 19.61 24.36
C ASP B 270 7.03 18.10 24.51
N LYS B 271 8.21 17.57 24.18
CA LYS B 271 8.45 16.12 24.39
C LYS B 271 9.22 15.82 25.70
N LEU B 272 8.64 14.93 26.51
CA LEU B 272 9.08 14.66 27.90
C LEU B 272 9.20 13.16 28.16
N THR B 273 10.15 12.77 29.00
CA THR B 273 10.17 11.41 29.56
C THR B 273 9.45 11.50 30.89
N PHE B 274 8.68 10.47 31.19
CA PHE B 274 7.89 10.46 32.41
C PHE B 274 8.23 9.20 33.16
N ASP B 275 8.60 9.35 34.42
CA ASP B 275 8.91 8.21 35.26
C ASP B 275 7.99 8.23 36.48
N PRO B 276 7.07 7.26 36.58
CA PRO B 276 6.16 7.20 37.73
C PRO B 276 6.89 6.97 39.06
N ALA B 277 8.05 6.30 39.03
CA ALA B 277 8.86 6.10 40.22
C ALA B 277 9.06 7.43 40.94
N GLY B 278 9.20 8.51 40.17
CA GLY B 278 9.31 9.87 40.74
C GLY B 278 8.17 10.34 41.63
N PHE B 279 6.99 9.70 41.50
CA PHE B 279 5.84 9.98 42.37
C PHE B 279 5.59 8.87 43.39
N GLY B 280 6.55 7.97 43.51
CA GLY B 280 6.49 6.92 44.51
C GLY B 280 5.84 5.63 44.08
N PHE B 281 5.51 5.49 42.79
CA PHE B 281 4.94 4.23 42.30
C PHE B 281 5.98 3.12 42.20
N ALA B 282 5.67 1.92 42.70
CA ALA B 282 6.53 0.76 42.47
C ALA B 282 6.42 0.29 41.01
N ARG B 283 7.49 -0.30 40.49
CA ARG B 283 7.48 -0.89 39.16
C ARG B 283 6.61 -2.14 39.16
N ALA B 284 5.61 -2.18 38.29
CA ALA B 284 4.76 -3.36 38.18
C ALA B 284 5.24 -4.21 37.03
N GLN B 285 4.69 -5.41 36.91
CA GLN B 285 4.94 -6.26 35.76
C GLN B 285 3.74 -6.19 34.85
N LEU B 286 3.99 -6.25 33.55
CA LEU B 286 2.96 -6.25 32.53
C LEU B 286 1.83 -7.26 32.81
N ASP B 287 2.15 -8.48 33.23
CA ASP B 287 1.09 -9.48 33.46
C ASP B 287 0.17 -9.15 34.66
N GLN B 288 0.60 -8.23 35.53
CA GLN B 288 -0.28 -7.75 36.59
C GLN B 288 -1.43 -6.88 36.07
N LEU B 289 -1.31 -6.41 34.84
CA LEU B 289 -2.32 -5.57 34.21
C LEU B 289 -3.13 -6.32 33.15
N ALA B 290 -2.91 -7.64 33.05
CA ALA B 290 -3.56 -8.48 32.05
C ALA B 290 -5.07 -8.48 32.23
N GLY B 291 -5.79 -8.35 31.13
CA GLY B 291 -7.26 -8.39 31.14
C GLY B 291 -7.76 -9.74 30.67
N GLY B 292 -9.07 -9.92 30.68
CA GLY B 292 -9.70 -11.12 30.15
C GLY B 292 -10.90 -10.75 29.31
N ASP B 293 -11.93 -11.57 29.40
CA ASP B 293 -13.16 -11.32 28.67
C ASP B 293 -13.92 -10.17 29.34
N ALA B 294 -15.05 -9.79 28.77
CA ALA B 294 -15.81 -8.64 29.28
C ALA B 294 -16.20 -8.78 30.76
N GLN B 295 -16.62 -9.97 31.18
CA GLN B 295 -17.01 -10.16 32.57
CA GLN B 295 -17.02 -10.20 32.59
C GLN B 295 -15.82 -10.04 33.53
N ALA B 296 -14.64 -10.50 33.09
CA ALA B 296 -13.46 -10.41 33.92
C ALA B 296 -13.04 -8.94 34.08
N ASN B 297 -13.08 -8.22 32.99
CA ASN B 297 -12.69 -6.82 32.98
C ASN B 297 -13.68 -5.97 33.75
N ALA B 298 -14.95 -6.35 33.71
CA ALA B 298 -15.98 -5.68 34.51
C ALA B 298 -15.71 -5.87 36.00
N ALA B 299 -15.36 -7.08 36.43
CA ALA B 299 -15.00 -7.31 37.82
C ALA B 299 -13.77 -6.48 38.23
N ALA B 300 -12.82 -6.33 37.31
CA ALA B 300 -11.62 -5.51 37.56
C ALA B 300 -12.02 -4.07 37.83
N VAL B 301 -12.96 -3.56 37.05
CA VAL B 301 -13.43 -2.18 37.19
C VAL B 301 -14.05 -2.05 38.56
N ARG B 302 -14.92 -3.00 38.91
CA ARG B 302 -15.59 -2.94 40.21
C ARG B 302 -14.60 -2.98 41.38
N ALA B 303 -13.56 -3.80 41.27
CA ALA B 303 -12.53 -3.91 42.31
C ALA B 303 -11.82 -2.57 42.52
N VAL B 304 -11.40 -1.96 41.41
CA VAL B 304 -10.68 -0.70 41.51
C VAL B 304 -11.60 0.40 42.09
N LEU B 305 -12.84 0.50 41.63
CA LEU B 305 -13.73 1.55 42.13
C LEU B 305 -14.14 1.33 43.59
N GLY B 306 -14.04 0.08 44.05
CA GLY B 306 -14.32 -0.24 45.43
C GLY B 306 -13.14 0.03 46.33
N GLY B 307 -12.04 0.48 45.74
CA GLY B 307 -10.88 0.93 46.49
C GLY B 307 -9.76 -0.10 46.70
N ALA B 308 -9.76 -1.18 45.93
CA ALA B 308 -8.68 -2.17 46.04
C ALA B 308 -7.36 -1.58 45.62
N ARG B 309 -6.31 -1.86 46.40
CA ARG B 309 -4.98 -1.37 46.08
C ARG B 309 -4.28 -2.37 45.20
N GLY B 310 -3.23 -1.92 44.53
CA GLY B 310 -2.47 -2.79 43.66
C GLY B 310 -2.09 -2.08 42.39
N PRO B 311 -1.47 -2.82 41.47
CA PRO B 311 -1.00 -2.21 40.24
C PRO B 311 -2.11 -1.71 39.31
N VAL B 312 -3.30 -2.28 39.37
CA VAL B 312 -4.36 -1.82 38.47
C VAL B 312 -4.81 -0.43 38.94
N ARG B 313 -5.11 -0.28 40.23
CA ARG B 313 -5.39 1.05 40.77
C ARG B 313 -4.28 2.06 40.44
N ASP B 314 -3.03 1.67 40.65
CA ASP B 314 -1.94 2.59 40.37
C ASP B 314 -1.95 3.10 38.93
N ALA B 315 -2.16 2.19 37.97
CA ALA B 315 -2.19 2.56 36.57
C ALA B 315 -3.39 3.46 36.26
N VAL B 316 -4.53 3.14 36.87
CA VAL B 316 -5.73 3.94 36.67
C VAL B 316 -5.53 5.36 37.19
N VAL B 317 -4.96 5.47 38.38
CA VAL B 317 -4.74 6.74 39.03
C VAL B 317 -3.76 7.58 38.20
N LEU B 318 -2.73 6.93 37.68
CA LEU B 318 -1.76 7.60 36.81
C LEU B 318 -2.40 8.17 35.56
N ASN B 319 -3.23 7.39 34.88
CA ASN B 319 -3.83 7.85 33.66
C ASN B 319 -4.91 8.88 33.93
N ALA B 320 -5.66 8.69 35.01
CA ALA B 320 -6.65 9.68 35.41
C ALA B 320 -5.95 11.01 35.69
N ALA B 321 -4.85 10.99 36.46
CA ALA B 321 -4.09 12.21 36.72
C ALA B 321 -3.62 12.91 35.43
N GLY B 322 -3.13 12.13 34.46
CA GLY B 322 -2.72 12.69 33.16
C GLY B 322 -3.83 13.46 32.46
N ALA B 323 -5.04 12.90 32.48
CA ALA B 323 -6.21 13.56 31.91
C ALA B 323 -6.53 14.81 32.69
N ILE B 324 -6.37 14.78 34.00
CA ILE B 324 -6.69 15.96 34.83
C ILE B 324 -5.67 17.07 34.53
N VAL B 325 -4.42 16.66 34.36
CA VAL B 325 -3.34 17.61 33.96
C VAL B 325 -3.66 18.24 32.60
N ALA B 326 -4.08 17.43 31.64
CA ALA B 326 -4.45 17.96 30.34
C ALA B 326 -5.62 18.93 30.47
N HIS B 327 -6.63 18.57 31.26
CA HIS B 327 -7.77 19.44 31.50
C HIS B 327 -7.33 20.78 32.10
N ALA B 328 -6.39 20.74 33.04
CA ALA B 328 -5.91 21.96 33.71
C ALA B 328 -5.30 22.89 32.69
N GLY B 329 -4.59 22.31 31.74
CA GLY B 329 -3.94 23.05 30.65
C GLY B 329 -4.85 23.88 29.76
N LEU B 330 -6.17 23.66 29.84
CA LEU B 330 -7.12 24.51 29.10
C LEU B 330 -7.20 25.92 29.66
N SER B 331 -6.93 26.05 30.94
CA SER B 331 -7.20 27.26 31.73
C SER B 331 -5.95 27.98 32.24
N SER B 332 -4.84 27.25 32.34
CA SER B 332 -3.62 27.79 32.95
C SER B 332 -2.44 27.08 32.35
N ARG B 333 -1.26 27.63 32.54
CA ARG B 333 -0.03 26.86 32.39
C ARG B 333 0.51 26.70 33.81
N ALA B 334 0.39 25.50 34.36
CA ALA B 334 0.88 25.25 35.70
C ALA B 334 2.12 24.42 35.60
N GLU B 335 2.94 24.46 36.64
CA GLU B 335 4.15 23.69 36.67
C GLU B 335 3.76 22.23 36.60
N TRP B 336 4.48 21.53 35.73
CA TRP B 336 4.30 20.11 35.48
C TRP B 336 4.17 19.31 36.76
N LEU B 337 5.17 19.40 37.64
CA LEU B 337 5.20 18.49 38.81
C LEU B 337 4.07 18.75 39.82
N PRO B 338 3.79 20.02 40.15
CA PRO B 338 2.63 20.28 41.00
C PRO B 338 1.28 19.92 40.36
N ALA B 339 1.17 20.12 39.05
CA ALA B 339 -0.02 19.70 38.30
C ALA B 339 -0.24 18.21 38.48
N TRP B 340 0.82 17.44 38.28
CA TRP B 340 0.76 16.00 38.46
C TRP B 340 0.40 15.59 39.90
N GLU B 341 0.98 16.26 40.88
CA GLU B 341 0.71 15.91 42.28
C GLU B 341 -0.78 16.11 42.62
N GLU B 342 -1.34 17.23 42.14
CA GLU B 342 -2.74 17.52 42.36
C GLU B 342 -3.63 16.56 41.55
N GLY B 343 -3.24 16.26 40.31
CA GLY B 343 -3.98 15.24 39.53
C GLY B 343 -4.03 13.87 40.19
N LEU B 344 -2.90 13.42 40.70
CA LEU B 344 -2.86 12.14 41.40
C LEU B 344 -3.70 12.18 42.67
N ARG B 345 -3.68 13.30 43.38
CA ARG B 345 -4.46 13.39 44.59
C ARG B 345 -5.96 13.39 44.31
N ARG B 346 -6.37 14.16 43.29
CA ARG B 346 -7.77 14.23 42.88
C ARG B 346 -8.24 12.85 42.44
N ALA B 347 -7.45 12.13 41.67
CA ALA B 347 -7.85 10.80 41.25
C ALA B 347 -7.99 9.82 42.42
N SER B 348 -7.02 9.82 43.35
CA SER B 348 -7.09 8.98 44.56
C SER B 348 -8.29 9.31 45.40
N ALA B 349 -8.55 10.60 45.62
CA ALA B 349 -9.70 10.99 46.42
C ALA B 349 -11.01 10.59 45.73
N ALA B 350 -11.08 10.71 44.40
CA ALA B 350 -12.31 10.35 43.71
C ALA B 350 -12.63 8.89 43.93
N ILE B 351 -11.61 8.04 43.99
CA ILE B 351 -11.87 6.65 44.33
C ILE B 351 -12.22 6.50 45.82
N ASP B 352 -11.38 7.07 46.69
CA ASP B 352 -11.46 6.76 48.11
C ASP B 352 -12.63 7.39 48.83
N THR B 353 -13.22 8.46 48.28
CA THR B 353 -14.46 9.02 48.82
C THR B 353 -15.71 8.25 48.42
N GLY B 354 -15.57 7.26 47.54
CA GLY B 354 -16.69 6.55 46.95
C GLY B 354 -17.23 7.22 45.67
N ALA B 355 -16.73 8.40 45.31
CA ALA B 355 -17.29 9.17 44.22
C ALA B 355 -17.26 8.43 42.88
N ALA B 356 -16.17 7.71 42.61
CA ALA B 356 -16.05 7.00 41.33
C ALA B 356 -17.01 5.81 41.22
N GLU B 357 -17.07 5.01 42.28
CA GLU B 357 -18.06 3.94 42.36
C GLU B 357 -19.49 4.49 42.22
N GLN B 358 -19.79 5.58 42.91
CA GLN B 358 -21.10 6.23 42.80
C GLN B 358 -21.39 6.74 41.41
N LEU B 359 -20.35 7.23 40.74
CA LEU B 359 -20.56 7.78 39.39
C LEU B 359 -20.91 6.68 38.40
N LEU B 360 -20.24 5.54 38.48
CA LEU B 360 -20.60 4.42 37.63
C LEU B 360 -22.04 3.99 37.90
N ALA B 361 -22.43 3.92 39.16
CA ALA B 361 -23.83 3.57 39.49
C ALA B 361 -24.80 4.56 38.89
N ARG B 362 -24.49 5.86 39.00
CA ARG B 362 -25.33 6.89 38.38
C ARG B 362 -25.45 6.74 36.86
N TRP B 363 -24.35 6.36 36.25
CA TRP B 363 -24.28 6.16 34.80
C TRP B 363 -25.16 4.99 34.36
N VAL B 364 -25.08 3.89 35.11
CA VAL B 364 -25.96 2.72 34.87
C VAL B 364 -27.42 3.10 35.07
N ARG B 365 -27.70 3.82 36.16
CA ARG B 365 -29.03 4.32 36.44
C ARG B 365 -29.60 5.18 35.32
N PHE B 366 -28.77 6.07 34.78
CA PHE B 366 -29.19 6.91 33.67
C PHE B 366 -29.66 6.08 32.47
N GLY B 367 -28.87 5.09 32.10
CA GLY B 367 -29.17 4.27 30.94
C GLY B 367 -30.45 3.49 31.17
N ARG B 368 -30.67 3.02 32.41
CA ARG B 368 -31.88 2.24 32.72
C ARG B 368 -33.15 3.10 32.69
N GLN B 369 -32.99 4.41 32.86
CA GLN B 369 -34.11 5.37 32.83
C GLN B 369 -34.62 5.66 31.42
N ILE B 370 -33.83 5.34 30.40
CA ILE B 370 -34.20 5.71 29.03
C ILE B 370 -35.50 5.02 28.58
N LEU B 371 -35.68 3.76 28.98
CA LEU B 371 -36.85 3.01 28.53
C LEU B 371 -38.15 3.76 28.83
#